data_3THV
#
_entry.id   3THV
#
_cell.length_a   93.810
_cell.length_b   109.270
_cell.length_c   150.430
_cell.angle_alpha   90.000
_cell.angle_beta   90.000
_cell.angle_gamma   90.000
#
_symmetry.space_group_name_H-M   'P 21 21 21'
#
loop_
_entity.id
_entity.type
_entity.pdbx_description
1 polymer 'DNA polymerase I'
2 polymer "5'-D(*CP*CP*TP*GP*AP*CP*TP*CP*(2DA))-3'"
3 polymer "5'-D(*C*AP*TP*TP*TP*GP*AP*GP*TP*CP*AP*GP*G)-3'"
4 non-polymer "2',3'-dideoxyadenosine triphosphate"
5 non-polymer 'MAGNESIUM ION'
6 non-polymer 'SULFATE ION'
7 water water
#
loop_
_entity_poly.entity_id
_entity_poly.type
_entity_poly.pdbx_seq_one_letter_code
_entity_poly.pdbx_strand_id
1 'polypeptide(L)'
;MESPSSEEEKPLAKMAFTLADRVTEEMLADKAALVVEVVEENYHDAPIVGIAVVNEHGRFFLRPETALADPQFVAWLGDE
TKKKSMFDSKRAAVALKWKGIELCGVSFDLLLAAYLLDPAQGVDDVAAAAKMKQYEAVRPDEAVYGKGAKRAVPDEPVLA
EHLVRKAAAIWELERPFLDELRRNEQDRLLVELEQPLSSILAEMEFAGVKVDTKRLEQMGKELAEQLGTVEQRIYELAGQ
EFNINSPKQLGVILFEKLQLPVLKKTKTGYSTSADVLEKLAPYHEIVENILHYRQLGKLQSTYIEGLLKVVRPATKKVHT
IFNQALTQTGRLSSTEPNLQNIPIRLEEGRKIRQAFVPSESDWLIFAADYSQIELRVLAHIAEDDNLMEAFRRDLDIHTK
TAMDIFQVSEDEVTPNMRRQAKAVNYGIVYGISDYGLAQNLNISRKEAAEFIERYFESFPGVKRYMENIVQEAKQKGYVT
TLLHRRRYLPDITSRNFNVRSFAERMAMNTPIQGSAADIIKKAMIDLNARLKEERLQAHLLLQVHDELILEAPKEEMERL
CRLVPEVMEQAVTLRVPLKVDYHYGSTWYDAK
;
A,D
2 'polydeoxyribonucleotide' (DC)(DC)(DT)(DG)(DA)(DC)(DT)(DC)(2DA) B,E
3 'polydeoxyribonucleotide' (DC)(DA)(DT)(DT)(DT)(DG)(DA)(DG)(DT)(DC)(DA)(DG)(DG) C,F
#
# COMPACT_ATOMS: atom_id res chain seq x y z
N LYS A 14 17.27 -26.84 -15.03
CA LYS A 14 16.08 -26.05 -15.31
C LYS A 14 16.45 -24.72 -15.95
N MET A 15 17.26 -23.93 -15.26
CA MET A 15 17.74 -22.69 -15.82
C MET A 15 19.09 -22.90 -16.52
N ALA A 16 19.04 -22.96 -17.84
CA ALA A 16 20.24 -23.16 -18.63
C ALA A 16 21.16 -21.94 -18.54
N PHE A 17 22.45 -22.20 -18.38
CA PHE A 17 23.46 -21.15 -18.48
C PHE A 17 24.78 -21.81 -18.86
N THR A 18 25.70 -21.02 -19.40
CA THR A 18 27.00 -21.55 -19.78
C THR A 18 28.05 -21.17 -18.74
N LEU A 19 28.77 -22.16 -18.22
CA LEU A 19 29.97 -21.88 -17.43
C LEU A 19 31.12 -21.63 -18.39
N ALA A 20 31.34 -20.38 -18.71
CA ALA A 20 32.33 -20.02 -19.71
C ALA A 20 33.75 -20.23 -19.19
N ASP A 21 34.63 -20.64 -20.09
CA ASP A 21 36.06 -20.75 -19.79
C ASP A 21 36.75 -19.44 -20.17
N ARG A 22 36.06 -18.64 -20.97
CA ARG A 22 36.65 -17.41 -21.51
C ARG A 22 35.55 -16.46 -21.95
N VAL A 23 35.88 -15.18 -22.07
CA VAL A 23 34.89 -14.17 -22.45
C VAL A 23 34.63 -14.22 -23.95
N THR A 24 33.37 -14.17 -24.35
CA THR A 24 33.01 -14.11 -25.76
C THR A 24 32.15 -12.89 -26.10
N GLU A 25 32.05 -12.61 -27.39
CA GLU A 25 31.42 -11.40 -27.88
C GLU A 25 29.98 -11.26 -27.42
N GLU A 26 29.25 -12.37 -27.38
CA GLU A 26 27.84 -12.29 -27.03
C GLU A 26 27.62 -11.92 -25.55
N MET A 27 28.66 -12.12 -24.73
CA MET A 27 28.60 -11.73 -23.32
C MET A 27 28.68 -10.21 -23.16
N LEU A 28 29.10 -9.52 -24.22
CA LEU A 28 29.39 -8.09 -24.15
C LEU A 28 28.32 -7.24 -24.85
N ALA A 29 27.08 -7.72 -24.84
CA ALA A 29 25.93 -6.98 -25.36
C ALA A 29 25.79 -5.62 -24.70
N ASP A 30 24.98 -4.74 -25.28
CA ASP A 30 24.92 -3.38 -24.76
C ASP A 30 23.80 -3.20 -23.73
N LYS A 31 23.12 -4.29 -23.38
CA LYS A 31 22.28 -4.31 -22.19
C LYS A 31 22.35 -5.67 -21.49
N ALA A 32 22.58 -5.64 -20.19
CA ALA A 32 22.77 -6.89 -19.47
C ALA A 32 22.42 -6.73 -18.00
N ALA A 33 22.06 -7.84 -17.35
CA ALA A 33 22.03 -7.90 -15.89
C ALA A 33 23.36 -8.47 -15.50
N LEU A 34 24.02 -7.80 -14.55
CA LEU A 34 25.39 -8.12 -14.20
C LEU A 34 25.47 -8.34 -12.69
N VAL A 35 26.11 -9.43 -12.31
CA VAL A 35 26.36 -9.76 -10.92
C VAL A 35 27.88 -9.90 -10.73
N VAL A 36 28.44 -9.10 -9.83
CA VAL A 36 29.86 -9.20 -9.50
C VAL A 36 29.89 -9.49 -8.01
N GLU A 37 30.09 -10.76 -7.65
CA GLU A 37 29.74 -11.23 -6.31
C GLU A 37 30.82 -10.99 -5.27
N VAL A 38 30.48 -10.20 -4.25
CA VAL A 38 31.34 -10.02 -3.07
C VAL A 38 30.59 -10.55 -1.87
N VAL A 39 31.12 -11.60 -1.26
CA VAL A 39 30.43 -12.32 -0.18
C VAL A 39 30.60 -11.65 1.18
N GLU A 40 31.76 -11.04 1.42
CA GLU A 40 32.01 -10.38 2.70
C GLU A 40 31.13 -9.13 2.86
N GLU A 41 30.60 -8.96 4.06
CA GLU A 41 29.74 -7.85 4.37
C GLU A 41 30.43 -6.52 4.05
N ASN A 42 31.68 -6.38 4.46
CA ASN A 42 32.49 -5.19 4.17
C ASN A 42 33.23 -5.48 2.89
N TYR A 43 32.89 -4.73 1.84
CA TYR A 43 33.36 -5.06 0.50
C TYR A 43 34.67 -4.36 0.14
N HIS A 44 35.23 -3.56 1.05
CA HIS A 44 36.51 -2.91 0.76
C HIS A 44 37.65 -3.94 0.69
N ASP A 45 38.33 -3.94 -0.45
CA ASP A 45 39.42 -4.88 -0.74
C ASP A 45 38.98 -6.31 -0.51
N ALA A 46 37.71 -6.62 -0.78
CA ALA A 46 37.21 -7.98 -0.57
C ALA A 46 37.26 -8.78 -1.87
N PRO A 47 37.38 -10.12 -1.77
CA PRO A 47 37.45 -10.93 -2.98
C PRO A 47 36.20 -10.84 -3.84
N ILE A 48 36.37 -10.85 -5.16
CA ILE A 48 35.25 -11.09 -6.07
C ILE A 48 35.29 -12.58 -6.36
N VAL A 49 34.19 -13.27 -6.08
CA VAL A 49 34.21 -14.74 -6.09
C VAL A 49 33.59 -15.32 -7.36
N GLY A 50 32.92 -14.49 -8.13
CA GLY A 50 32.26 -14.96 -9.33
C GLY A 50 31.50 -13.85 -9.99
N ILE A 51 31.29 -13.99 -11.30
CA ILE A 51 30.60 -12.99 -12.11
C ILE A 51 29.51 -13.67 -12.93
N ALA A 52 28.35 -13.02 -13.06
CA ALA A 52 27.31 -13.53 -13.96
C ALA A 52 26.76 -12.44 -14.88
N VAL A 53 26.49 -12.82 -16.13
CA VAL A 53 25.95 -11.90 -17.12
C VAL A 53 24.72 -12.57 -17.75
N VAL A 54 23.60 -11.85 -17.76
CA VAL A 54 22.42 -12.31 -18.48
C VAL A 54 22.03 -11.22 -19.47
N ASN A 55 21.88 -11.60 -20.73
CA ASN A 55 21.48 -10.66 -21.75
C ASN A 55 20.65 -11.37 -22.82
N GLU A 56 20.33 -10.66 -23.89
CA GLU A 56 19.51 -11.21 -24.97
C GLU A 56 20.07 -12.52 -25.50
N HIS A 57 21.39 -12.67 -25.42
CA HIS A 57 22.05 -13.79 -26.07
C HIS A 57 22.12 -15.04 -25.19
N GLY A 58 21.96 -14.88 -23.89
CA GLY A 58 21.98 -16.05 -23.01
C GLY A 58 22.45 -15.75 -21.60
N ARG A 59 22.75 -16.80 -20.85
CA ARG A 59 23.14 -16.67 -19.45
C ARG A 59 24.53 -17.23 -19.20
N PHE A 60 25.40 -16.45 -18.57
CA PHE A 60 26.81 -16.80 -18.46
C PHE A 60 27.36 -16.65 -17.04
N PHE A 61 28.23 -17.57 -16.64
CA PHE A 61 28.99 -17.43 -15.40
C PHE A 61 30.45 -17.37 -15.79
N LEU A 62 31.20 -16.44 -15.18
CA LEU A 62 32.61 -16.27 -15.51
C LEU A 62 33.44 -16.32 -14.23
N ARG A 63 34.64 -16.86 -14.33
CA ARG A 63 35.56 -16.87 -13.20
C ARG A 63 36.27 -15.51 -13.19
N PRO A 64 36.39 -14.89 -12.00
CA PRO A 64 36.92 -13.52 -12.00
C PRO A 64 38.38 -13.44 -12.38
N GLU A 65 39.19 -14.44 -12.03
CA GLU A 65 40.59 -14.46 -12.43
C GLU A 65 40.69 -14.30 -13.93
N THR A 66 39.74 -14.93 -14.63
CA THR A 66 39.70 -14.94 -16.08
C THR A 66 39.18 -13.63 -16.59
N ALA A 67 37.95 -13.33 -16.19
CA ALA A 67 37.21 -12.19 -16.70
C ALA A 67 37.84 -10.83 -16.37
N LEU A 68 38.34 -10.65 -15.16
CA LEU A 68 38.84 -9.36 -14.76
C LEU A 68 40.23 -9.06 -15.32
N ALA A 69 40.86 -10.07 -15.91
CA ALA A 69 42.17 -9.91 -16.56
C ALA A 69 42.03 -9.94 -18.08
N ASP A 70 40.78 -9.99 -18.54
CA ASP A 70 40.46 -9.97 -19.98
C ASP A 70 40.26 -8.54 -20.45
N PRO A 71 41.08 -8.10 -21.43
CA PRO A 71 41.02 -6.67 -21.72
C PRO A 71 39.69 -6.25 -22.36
N GLN A 72 38.97 -7.18 -22.98
CA GLN A 72 37.68 -6.84 -23.58
C GLN A 72 36.60 -6.77 -22.49
N PHE A 73 36.65 -7.66 -21.50
CA PHE A 73 35.67 -7.59 -20.41
C PHE A 73 35.92 -6.35 -19.58
N VAL A 74 37.19 -6.07 -19.26
CA VAL A 74 37.47 -4.84 -18.53
C VAL A 74 36.93 -3.65 -19.32
N ALA A 75 37.18 -3.66 -20.62
CA ALA A 75 36.72 -2.58 -21.50
C ALA A 75 35.21 -2.41 -21.41
N TRP A 76 34.47 -3.52 -21.46
CA TRP A 76 33.02 -3.49 -21.42
C TRP A 76 32.54 -2.95 -20.07
N LEU A 77 33.15 -3.40 -18.98
CA LEU A 77 32.73 -2.90 -17.67
C LEU A 77 32.82 -1.38 -17.66
N GLY A 78 33.88 -0.84 -18.22
CA GLY A 78 34.15 0.58 -18.14
C GLY A 78 33.47 1.43 -19.21
N ASP A 79 32.65 0.79 -20.05
CA ASP A 79 31.99 1.49 -21.16
C ASP A 79 30.62 2.02 -20.76
N GLU A 80 30.48 3.33 -20.63
CA GLU A 80 29.21 3.91 -20.18
C GLU A 80 28.03 3.57 -21.10
N THR A 81 28.29 3.26 -22.37
CA THR A 81 27.21 2.99 -23.32
C THR A 81 26.76 1.54 -23.26
N LYS A 82 27.45 0.71 -22.47
CA LYS A 82 27.05 -0.67 -22.30
C LYS A 82 26.31 -0.72 -20.97
N LYS A 83 24.99 -0.82 -21.04
CA LYS A 83 24.14 -0.61 -19.87
C LYS A 83 23.99 -1.87 -19.02
N LYS A 84 24.21 -1.72 -17.70
CA LYS A 84 24.12 -2.85 -16.78
C LYS A 84 22.99 -2.65 -15.75
N SER A 85 22.22 -3.71 -15.54
CA SER A 85 21.26 -3.77 -14.45
C SER A 85 21.84 -4.63 -13.33
N MET A 86 21.75 -4.14 -12.10
CA MET A 86 22.40 -4.84 -11.00
C MET A 86 21.59 -4.74 -9.71
N PHE A 87 22.10 -5.38 -8.67
CA PHE A 87 21.60 -5.21 -7.31
C PHE A 87 22.78 -4.79 -6.42
N ASP A 88 22.65 -3.61 -5.80
CA ASP A 88 23.72 -3.00 -4.99
C ASP A 88 24.96 -2.72 -5.84
N SER A 89 24.82 -1.79 -6.78
CA SER A 89 25.88 -1.48 -7.71
C SER A 89 27.05 -0.82 -7.01
N LYS A 90 26.81 -0.16 -5.88
CA LYS A 90 27.91 0.49 -5.16
C LYS A 90 28.88 -0.53 -4.62
N ARG A 91 28.36 -1.65 -4.12
CA ARG A 91 29.19 -2.76 -3.62
C ARG A 91 30.11 -3.21 -4.74
N ALA A 92 29.53 -3.46 -5.92
CA ALA A 92 30.31 -3.97 -7.05
C ALA A 92 31.33 -2.95 -7.52
N ALA A 93 30.89 -1.71 -7.64
CA ALA A 93 31.71 -0.62 -8.14
C ALA A 93 32.92 -0.45 -7.25
N VAL A 94 32.70 -0.49 -5.94
CA VAL A 94 33.82 -0.32 -5.00
C VAL A 94 34.74 -1.53 -4.98
N ALA A 95 34.18 -2.74 -4.94
CA ALA A 95 34.98 -3.96 -5.05
C ALA A 95 35.84 -3.92 -6.32
N LEU A 96 35.29 -3.38 -7.41
CA LEU A 96 36.07 -3.37 -8.66
C LEU A 96 37.19 -2.33 -8.61
N LYS A 97 36.94 -1.18 -7.98
CA LYS A 97 37.99 -0.16 -7.80
C LYS A 97 39.18 -0.70 -7.01
N TRP A 98 38.90 -1.53 -6.01
CA TRP A 98 39.99 -2.19 -5.26
C TRP A 98 40.73 -3.18 -6.16
N LYS A 99 40.09 -3.58 -7.26
CA LYS A 99 40.72 -4.47 -8.25
C LYS A 99 41.31 -3.64 -9.39
N GLY A 100 41.24 -2.32 -9.25
CA GLY A 100 41.80 -1.41 -10.23
C GLY A 100 41.01 -1.34 -11.53
N ILE A 101 39.71 -1.63 -11.45
CA ILE A 101 38.84 -1.67 -12.63
C ILE A 101 37.67 -0.71 -12.43
N GLU A 102 37.36 0.09 -13.45
CA GLU A 102 36.28 1.07 -13.37
C GLU A 102 35.00 0.50 -13.95
N LEU A 103 33.91 0.58 -13.19
CA LEU A 103 32.59 0.14 -13.61
C LEU A 103 31.74 1.34 -14.01
N CYS A 104 31.28 1.35 -15.26
CA CYS A 104 30.44 2.44 -15.77
C CYS A 104 29.15 1.91 -16.38
N GLY A 105 28.18 2.81 -16.56
CA GLY A 105 26.97 2.48 -17.30
C GLY A 105 25.91 1.70 -16.52
N VAL A 106 25.99 1.74 -15.20
CA VAL A 106 24.94 1.10 -14.42
C VAL A 106 23.68 1.92 -14.63
N SER A 107 22.61 1.28 -15.11
CA SER A 107 21.39 2.01 -15.47
C SER A 107 20.20 1.68 -14.58
N PHE A 108 20.30 0.59 -13.84
CA PHE A 108 19.24 0.16 -12.93
C PHE A 108 19.82 -0.58 -11.71
N ASP A 109 19.40 -0.19 -10.52
CA ASP A 109 19.83 -0.87 -9.31
C ASP A 109 18.60 -1.41 -8.55
N LEU A 110 18.45 -2.73 -8.51
CA LEU A 110 17.30 -3.38 -7.86
C LEU A 110 17.20 -3.13 -6.35
N LEU A 111 18.35 -3.05 -5.67
CA LEU A 111 18.37 -2.70 -4.24
C LEU A 111 17.70 -1.37 -4.00
N LEU A 112 18.13 -0.33 -4.73
CA LEU A 112 17.62 1.01 -4.50
C LEU A 112 16.16 1.10 -4.94
N ALA A 113 15.83 0.36 -6.00
CA ALA A 113 14.44 0.30 -6.47
C ALA A 113 13.53 -0.27 -5.36
N ALA A 114 13.96 -1.37 -4.73
CA ALA A 114 13.17 -1.98 -3.65
C ALA A 114 13.09 -1.03 -2.46
N TYR A 115 14.21 -0.42 -2.11
CA TYR A 115 14.27 0.52 -1.00
C TYR A 115 13.21 1.64 -1.12
N LEU A 116 13.10 2.23 -2.31
CA LEU A 116 12.17 3.34 -2.50
C LEU A 116 10.73 2.80 -2.47
N LEU A 117 10.49 1.63 -3.06
CA LEU A 117 9.12 1.10 -3.09
C LEU A 117 8.60 0.89 -1.67
N ASP A 118 9.48 0.45 -0.77
CA ASP A 118 9.09 0.25 0.63
C ASP A 118 10.31 0.01 1.53
N PRO A 119 10.78 1.07 2.18
CA PRO A 119 12.00 0.90 2.97
C PRO A 119 11.81 -0.06 4.16
N ALA A 120 10.58 -0.23 4.62
CA ALA A 120 10.27 -1.08 5.76
C ALA A 120 10.54 -2.56 5.50
N GLN A 121 10.63 -2.96 4.25
CA GLN A 121 10.87 -4.37 3.96
C GLN A 121 12.29 -4.81 4.33
N GLY A 122 13.20 -3.85 4.45
CA GLY A 122 14.58 -4.14 4.78
C GLY A 122 15.28 -5.05 3.78
N VAL A 123 14.90 -4.92 2.50
CA VAL A 123 15.50 -5.72 1.44
C VAL A 123 17.01 -5.56 1.42
N ASP A 124 17.73 -6.69 1.53
CA ASP A 124 19.19 -6.65 1.45
C ASP A 124 19.81 -7.83 0.69
N ASP A 125 18.98 -8.61 0.00
CA ASP A 125 19.49 -9.47 -1.07
C ASP A 125 18.46 -9.59 -2.20
N VAL A 126 18.86 -10.22 -3.29
CA VAL A 126 18.01 -10.30 -4.46
C VAL A 126 16.74 -11.08 -4.16
N ALA A 127 16.87 -12.18 -3.44
CA ALA A 127 15.71 -13.01 -3.11
C ALA A 127 14.64 -12.19 -2.39
N ALA A 128 15.06 -11.28 -1.52
CA ALA A 128 14.10 -10.49 -0.74
C ALA A 128 13.38 -9.46 -1.62
N ALA A 129 14.09 -8.90 -2.59
CA ALA A 129 13.48 -8.02 -3.57
C ALA A 129 12.57 -8.79 -4.53
N ALA A 130 12.99 -9.98 -4.92
CA ALA A 130 12.21 -10.83 -5.83
C ALA A 130 10.84 -11.16 -5.23
N LYS A 131 10.80 -11.36 -3.92
CA LYS A 131 9.56 -11.67 -3.22
C LYS A 131 8.51 -10.56 -3.32
N MET A 132 8.96 -9.32 -3.53
CA MET A 132 8.03 -8.21 -3.66
C MET A 132 7.13 -8.38 -4.89
N LYS A 133 7.58 -9.20 -5.84
CA LYS A 133 6.82 -9.46 -7.06
C LYS A 133 6.62 -10.96 -7.25
N GLN A 134 6.48 -11.69 -6.14
CA GLN A 134 6.31 -13.15 -6.15
C GLN A 134 7.16 -13.81 -7.21
N TYR A 135 8.43 -13.44 -7.28
CA TYR A 135 9.40 -14.13 -8.11
C TYR A 135 10.22 -15.02 -7.20
N GLU A 136 10.21 -16.32 -7.48
CA GLU A 136 10.72 -17.31 -6.52
C GLU A 136 11.85 -18.18 -7.05
N ALA A 137 12.29 -17.90 -8.27
CA ALA A 137 13.31 -18.73 -8.91
C ALA A 137 14.71 -18.29 -8.54
N VAL A 138 14.92 -17.95 -7.26
CA VAL A 138 16.21 -17.51 -6.76
C VAL A 138 16.29 -17.74 -5.24
N ARG A 139 17.48 -18.04 -4.73
CA ARG A 139 17.65 -18.32 -3.30
C ARG A 139 18.15 -17.10 -2.51
N PRO A 140 17.87 -17.07 -1.19
CA PRO A 140 18.47 -16.00 -0.38
C PRO A 140 19.98 -16.25 -0.27
N ASP A 141 20.76 -15.17 -0.20
CA ASP A 141 22.21 -15.30 -0.04
C ASP A 141 22.62 -16.16 1.15
N GLU A 142 22.02 -15.90 2.31
CA GLU A 142 22.39 -16.61 3.54
C GLU A 142 22.24 -18.12 3.42
N ALA A 143 21.23 -18.56 2.66
CA ALA A 143 20.97 -19.98 2.50
C ALA A 143 22.07 -20.62 1.67
N VAL A 144 22.63 -19.86 0.74
CA VAL A 144 23.71 -20.35 -0.12
C VAL A 144 25.06 -20.32 0.58
N TYR A 145 25.33 -19.28 1.37
CA TYR A 145 26.67 -19.05 1.90
C TYR A 145 26.84 -19.48 3.36
N GLY A 146 25.73 -19.59 4.09
CA GLY A 146 25.80 -19.94 5.49
C GLY A 146 25.96 -18.71 6.35
N LYS A 147 26.00 -18.89 7.68
CA LYS A 147 26.23 -17.75 8.55
C LYS A 147 27.35 -17.96 9.58
N GLY A 148 27.84 -16.86 10.11
CA GLY A 148 28.92 -16.85 11.07
C GLY A 148 30.11 -17.68 10.61
N ALA A 149 30.58 -18.55 11.50
CA ALA A 149 31.79 -19.32 11.24
C ALA A 149 31.60 -20.35 10.13
N LYS A 150 30.35 -20.58 9.74
CA LYS A 150 30.02 -21.58 8.72
C LYS A 150 30.01 -20.98 7.31
N ARG A 151 30.19 -19.66 7.22
CA ARG A 151 30.04 -18.95 5.95
C ARG A 151 31.14 -19.38 4.98
N ALA A 152 30.78 -19.59 3.72
CA ALA A 152 31.73 -20.13 2.75
C ALA A 152 31.18 -20.10 1.34
N VAL A 153 32.09 -19.98 0.38
CA VAL A 153 31.71 -20.03 -1.02
C VAL A 153 31.51 -21.49 -1.41
N PRO A 154 30.33 -21.84 -1.95
CA PRO A 154 30.08 -23.26 -2.26
C PRO A 154 30.84 -23.74 -3.49
N ASP A 155 30.70 -25.03 -3.78
CA ASP A 155 31.30 -25.63 -4.97
C ASP A 155 30.87 -24.86 -6.22
N GLU A 156 31.77 -24.76 -7.20
CA GLU A 156 31.57 -23.87 -8.35
C GLU A 156 30.20 -23.99 -9.01
N PRO A 157 29.76 -25.22 -9.34
CA PRO A 157 28.45 -25.33 -9.99
C PRO A 157 27.31 -24.78 -9.11
N VAL A 158 27.42 -24.93 -7.80
CA VAL A 158 26.40 -24.42 -6.87
C VAL A 158 26.46 -22.88 -6.81
N LEU A 159 27.67 -22.35 -6.75
CA LEU A 159 27.88 -20.90 -6.82
C LEU A 159 27.41 -20.31 -8.14
N ALA A 160 27.81 -20.93 -9.26
CA ALA A 160 27.47 -20.41 -10.58
C ALA A 160 25.97 -20.31 -10.80
N GLU A 161 25.23 -21.35 -10.41
CA GLU A 161 23.78 -21.32 -10.53
C GLU A 161 23.17 -20.19 -9.71
N HIS A 162 23.67 -19.98 -8.50
CA HIS A 162 23.15 -18.92 -7.65
C HIS A 162 23.34 -17.58 -8.33
N LEU A 163 24.56 -17.30 -8.78
CA LEU A 163 24.86 -16.00 -9.38
C LEU A 163 24.02 -15.78 -10.63
N VAL A 164 23.88 -16.80 -11.47
CA VAL A 164 23.06 -16.67 -12.67
C VAL A 164 21.60 -16.44 -12.31
N ARG A 165 21.09 -17.17 -11.33
CA ARG A 165 19.70 -17.01 -10.90
C ARG A 165 19.43 -15.60 -10.37
N LYS A 166 20.44 -15.00 -9.75
CA LYS A 166 20.32 -13.63 -9.28
C LYS A 166 20.32 -12.67 -10.49
N ALA A 167 21.17 -12.95 -11.47
CA ALA A 167 21.21 -12.15 -12.69
C ALA A 167 19.88 -12.25 -13.45
N ALA A 168 19.38 -13.47 -13.58
CA ALA A 168 18.07 -13.70 -14.22
C ALA A 168 16.97 -12.96 -13.50
N ALA A 169 17.03 -12.95 -12.17
CA ALA A 169 16.02 -12.25 -11.38
C ALA A 169 16.02 -10.75 -11.69
N ILE A 170 17.21 -10.15 -11.68
CA ILE A 170 17.33 -8.71 -11.91
C ILE A 170 16.83 -8.37 -13.32
N TRP A 171 17.09 -9.28 -14.24
CA TRP A 171 16.77 -9.10 -15.65
C TRP A 171 15.27 -9.10 -15.85
N GLU A 172 14.58 -10.04 -15.20
CA GLU A 172 13.14 -10.19 -15.35
C GLU A 172 12.36 -9.26 -14.42
N LEU A 173 13.02 -8.75 -13.39
CA LEU A 173 12.34 -7.90 -12.41
C LEU A 173 12.46 -6.41 -12.71
N GLU A 174 13.41 -6.02 -13.57
CA GLU A 174 13.62 -4.61 -13.85
C GLU A 174 12.36 -3.90 -14.29
N ARG A 175 11.66 -4.48 -15.26
CA ARG A 175 10.53 -3.77 -15.85
C ARG A 175 9.40 -3.66 -14.82
N PRO A 176 9.10 -4.76 -14.12
CA PRO A 176 8.05 -4.70 -13.09
C PRO A 176 8.34 -3.68 -11.98
N PHE A 177 9.59 -3.61 -11.51
CA PHE A 177 9.94 -2.58 -10.53
C PHE A 177 9.88 -1.18 -11.14
N LEU A 178 10.43 -1.02 -12.33
CA LEU A 178 10.37 0.30 -12.95
C LEU A 178 8.90 0.71 -13.14
N ASP A 179 8.04 -0.25 -13.48
CA ASP A 179 6.64 0.05 -13.69
C ASP A 179 6.01 0.56 -12.40
N GLU A 180 6.25 -0.13 -11.30
CA GLU A 180 5.64 0.30 -10.04
C GLU A 180 6.20 1.65 -9.53
N LEU A 181 7.50 1.87 -9.66
CA LEU A 181 8.08 3.17 -9.32
C LEU A 181 7.40 4.31 -10.07
N ARG A 182 7.19 4.12 -11.36
CA ARG A 182 6.50 5.12 -12.15
C ARG A 182 5.08 5.34 -11.61
N ARG A 183 4.36 4.25 -11.36
CA ARG A 183 3.00 4.36 -10.82
C ARG A 183 3.04 5.24 -9.58
N ASN A 184 4.11 5.12 -8.79
CA ASN A 184 4.24 5.89 -7.54
C ASN A 184 4.86 7.28 -7.72
N GLU A 185 5.25 7.63 -8.94
CA GLU A 185 5.98 8.88 -9.18
C GLU A 185 7.36 8.89 -8.50
N GLN A 186 8.00 7.73 -8.47
CA GLN A 186 9.32 7.60 -7.85
C GLN A 186 10.37 7.23 -8.87
N ASP A 187 10.03 7.31 -10.16
CA ASP A 187 10.95 6.85 -11.20
C ASP A 187 12.16 7.77 -11.32
N ARG A 188 11.92 9.08 -11.25
CA ARG A 188 12.99 10.05 -11.33
C ARG A 188 13.80 10.07 -10.04
N LEU A 189 13.13 9.82 -8.92
CA LEU A 189 13.83 9.70 -7.65
C LEU A 189 14.89 8.61 -7.78
N LEU A 190 14.54 7.49 -8.37
CA LEU A 190 15.52 6.42 -8.56
C LEU A 190 16.59 6.86 -9.56
N VAL A 191 16.16 7.22 -10.76
CA VAL A 191 17.08 7.38 -11.88
C VAL A 191 17.94 8.65 -11.81
N GLU A 192 17.38 9.69 -11.21
CA GLU A 192 18.02 11.00 -11.20
C GLU A 192 18.58 11.39 -9.84
N LEU A 193 18.15 10.71 -8.77
CA LEU A 193 18.71 11.02 -7.44
C LEU A 193 19.50 9.85 -6.84
N GLU A 194 18.83 8.74 -6.52
CA GLU A 194 19.51 7.67 -5.78
C GLU A 194 20.63 7.02 -6.59
N GLN A 195 20.38 6.71 -7.87
CA GLN A 195 21.40 6.03 -8.65
C GLN A 195 22.66 6.88 -8.90
N PRO A 196 22.52 8.16 -9.27
CA PRO A 196 23.74 8.98 -9.40
C PRO A 196 24.45 9.17 -8.06
N LEU A 197 23.69 9.23 -6.98
CA LEU A 197 24.29 9.39 -5.66
C LEU A 197 25.16 8.15 -5.39
N SER A 198 24.67 6.99 -5.81
CA SER A 198 25.37 5.74 -5.53
C SER A 198 26.82 5.79 -6.02
N SER A 199 27.02 6.32 -7.22
CA SER A 199 28.36 6.45 -7.80
C SER A 199 29.20 7.43 -7.00
N ILE A 200 28.56 8.48 -6.49
CA ILE A 200 29.27 9.48 -5.70
C ILE A 200 29.75 8.89 -4.38
N LEU A 201 28.86 8.15 -3.70
CA LEU A 201 29.21 7.47 -2.46
C LEU A 201 30.34 6.46 -2.70
N ALA A 202 30.32 5.79 -3.84
CA ALA A 202 31.35 4.80 -4.15
C ALA A 202 32.71 5.51 -4.22
N GLU A 203 32.76 6.68 -4.84
CA GLU A 203 34.00 7.46 -4.93
C GLU A 203 34.51 7.83 -3.55
N MET A 204 33.58 8.29 -2.70
CA MET A 204 33.89 8.76 -1.37
C MET A 204 34.47 7.63 -0.54
N GLU A 205 33.79 6.49 -0.54
CA GLU A 205 34.26 5.32 0.24
C GLU A 205 35.65 4.86 -0.17
N PHE A 206 35.85 4.71 -1.48
CA PHE A 206 37.15 4.25 -1.98
C PHE A 206 38.26 5.26 -1.68
N ALA A 207 37.97 6.56 -1.75
CA ALA A 207 38.97 7.58 -1.41
C ALA A 207 39.45 7.43 0.04
N GLY A 208 38.48 7.24 0.94
CA GLY A 208 38.77 7.14 2.35
C GLY A 208 39.16 8.46 3.00
N VAL A 209 39.36 8.42 4.32
CA VAL A 209 39.86 9.57 5.06
C VAL A 209 41.14 9.20 5.78
N LYS A 210 42.16 10.06 5.64
CA LYS A 210 43.45 9.76 6.26
C LYS A 210 43.45 10.07 7.74
N VAL A 211 44.16 9.23 8.50
CA VAL A 211 44.22 9.34 9.94
C VAL A 211 45.68 9.55 10.40
N ASP A 212 45.83 10.45 11.36
CA ASP A 212 47.11 10.67 12.01
C ASP A 212 47.28 9.66 13.15
N THR A 213 47.81 8.48 12.86
CA THR A 213 47.84 7.41 13.86
C THR A 213 48.78 7.73 15.04
N LYS A 214 49.85 8.49 14.79
CA LYS A 214 50.78 8.86 15.85
C LYS A 214 50.04 9.66 16.91
N ARG A 215 49.24 10.63 16.46
CA ARG A 215 48.50 11.49 17.37
C ARG A 215 47.40 10.71 18.06
N LEU A 216 46.68 9.91 17.29
CA LEU A 216 45.63 9.08 17.87
C LEU A 216 46.21 8.12 18.91
N GLU A 217 47.36 7.51 18.64
CA GLU A 217 47.93 6.61 19.63
C GLU A 217 48.40 7.38 20.87
N GLN A 218 48.96 8.57 20.67
CA GLN A 218 49.36 9.39 21.84
C GLN A 218 48.13 9.78 22.67
N MET A 219 47.04 10.23 22.01
CA MET A 219 45.81 10.51 22.75
C MET A 219 45.36 9.30 23.53
N GLY A 220 45.52 8.11 22.94
CA GLY A 220 45.07 6.90 23.61
C GLY A 220 45.87 6.63 24.88
N LYS A 221 47.16 6.97 24.85
CA LYS A 221 48.00 6.68 25.99
C LYS A 221 47.63 7.63 27.13
N GLU A 222 47.35 8.87 26.77
CA GLU A 222 47.06 9.89 27.78
C GLU A 222 45.67 9.63 28.32
N LEU A 223 44.76 9.21 27.46
CA LEU A 223 43.43 8.80 27.93
C LEU A 223 43.46 7.63 28.90
N ALA A 224 44.31 6.62 28.64
CA ALA A 224 44.39 5.46 29.54
C ALA A 224 44.74 5.92 30.96
N GLU A 225 45.66 6.88 31.06
CA GLU A 225 46.11 7.35 32.37
C GLU A 225 44.96 8.03 33.10
N GLN A 226 44.28 8.92 32.39
CA GLN A 226 43.14 9.64 32.94
C GLN A 226 42.03 8.68 33.42
N LEU A 227 41.68 7.71 32.59
CA LEU A 227 40.73 6.69 32.98
C LEU A 227 41.14 6.03 34.30
N GLY A 228 42.42 5.71 34.44
CA GLY A 228 42.90 5.10 35.67
C GLY A 228 42.65 6.01 36.87
N THR A 229 42.91 7.29 36.70
CA THR A 229 42.72 8.27 37.78
C THR A 229 41.25 8.44 38.13
N VAL A 230 40.40 8.56 37.11
CA VAL A 230 38.97 8.71 37.32
C VAL A 230 38.43 7.44 37.99
N GLU A 231 38.88 6.30 37.49
CA GLU A 231 38.45 5.01 38.03
C GLU A 231 38.75 4.96 39.52
N GLN A 232 39.97 5.30 39.92
CA GLN A 232 40.32 5.10 41.33
C GLN A 232 39.49 6.00 42.23
N ARG A 233 39.21 7.21 41.76
CA ARG A 233 38.45 8.19 42.53
C ARG A 233 37.04 7.66 42.75
N ILE A 234 36.47 7.05 41.71
CA ILE A 234 35.14 6.48 41.81
C ILE A 234 35.11 5.35 42.85
N TYR A 235 36.12 4.49 42.86
CA TYR A 235 36.18 3.44 43.88
C TYR A 235 36.26 4.07 45.28
N GLU A 236 37.06 5.11 45.43
CA GLU A 236 37.17 5.81 46.71
C GLU A 236 35.80 6.32 47.18
N LEU A 237 35.09 7.01 46.29
CA LEU A 237 33.75 7.51 46.59
C LEU A 237 32.76 6.39 46.91
N ALA A 238 32.88 5.26 46.22
CA ALA A 238 31.91 4.18 46.37
C ALA A 238 32.23 3.35 47.60
N GLY A 239 33.50 3.36 48.02
CA GLY A 239 33.91 2.57 49.15
C GLY A 239 34.20 1.13 48.77
N GLN A 240 34.18 0.86 47.47
CA GLN A 240 34.61 -0.45 46.99
C GLN A 240 34.92 -0.41 45.49
N GLU A 241 35.67 -1.41 45.03
CA GLU A 241 35.92 -1.60 43.60
C GLU A 241 34.74 -2.33 42.96
N PHE A 242 34.42 -1.96 41.73
CA PHE A 242 33.37 -2.66 40.98
C PHE A 242 33.56 -2.34 39.50
N ASN A 243 32.83 -3.05 38.64
CA ASN A 243 32.87 -2.71 37.22
C ASN A 243 31.92 -1.56 36.85
N ILE A 244 32.49 -0.36 36.70
CA ILE A 244 31.72 0.84 36.39
C ILE A 244 30.99 0.70 35.04
N ASN A 245 31.56 -0.10 34.14
CA ASN A 245 30.96 -0.31 32.82
C ASN A 245 29.88 -1.37 32.80
N SER A 246 29.54 -1.88 33.98
CA SER A 246 28.41 -2.79 34.13
C SER A 246 27.21 -2.10 34.76
N PRO A 247 26.21 -1.70 33.95
CA PRO A 247 25.00 -1.12 34.54
C PRO A 247 24.43 -1.95 35.70
N LYS A 248 24.49 -3.26 35.61
CA LYS A 248 24.03 -4.09 36.70
C LYS A 248 24.85 -3.89 37.98
N GLN A 249 26.17 -3.97 37.89
CA GLN A 249 26.97 -3.79 39.11
C GLN A 249 26.83 -2.36 39.62
N LEU A 250 26.77 -1.42 38.69
CA LEU A 250 26.64 0.00 39.05
C LEU A 250 25.32 0.23 39.77
N GLY A 251 24.24 -0.40 39.30
CA GLY A 251 22.97 -0.26 40.00
C GLY A 251 22.99 -0.71 41.46
N VAL A 252 23.66 -1.82 41.73
CA VAL A 252 23.81 -2.30 43.10
C VAL A 252 24.54 -1.25 43.96
N ILE A 253 25.64 -0.71 43.44
CA ILE A 253 26.39 0.31 44.19
C ILE A 253 25.50 1.52 44.43
N LEU A 254 24.83 2.01 43.40
CA LEU A 254 24.10 3.26 43.57
C LEU A 254 22.83 3.11 44.39
N PHE A 255 22.07 2.03 44.13
CA PHE A 255 20.73 1.97 44.71
C PHE A 255 20.62 1.00 45.86
N GLU A 256 21.66 0.21 46.08
CA GLU A 256 21.66 -0.68 47.24
C GLU A 256 22.68 -0.26 48.27
N LYS A 257 23.95 -0.20 47.89
CA LYS A 257 24.98 0.22 48.85
C LYS A 257 24.81 1.69 49.27
N LEU A 258 24.63 2.58 48.29
CA LEU A 258 24.60 4.03 48.59
C LEU A 258 23.18 4.53 48.86
N GLN A 259 22.19 3.67 48.60
CA GLN A 259 20.79 3.97 48.94
C GLN A 259 20.23 5.20 48.24
N LEU A 260 20.67 5.45 47.01
CA LEU A 260 20.19 6.61 46.27
C LEU A 260 18.79 6.34 45.76
N PRO A 261 18.00 7.40 45.50
CA PRO A 261 16.61 7.17 45.07
C PRO A 261 16.54 6.46 43.71
N VAL A 262 15.57 5.58 43.54
CA VAL A 262 15.39 4.88 42.25
C VAL A 262 14.39 5.69 41.42
N LEU A 263 14.89 6.38 40.39
CA LEU A 263 14.06 7.23 39.54
C LEU A 263 13.40 6.51 38.35
N LYS A 264 13.99 5.40 37.91
CA LYS A 264 13.53 4.67 36.72
C LYS A 264 14.01 3.22 36.78
N LYS A 265 13.19 2.28 36.30
CA LYS A 265 13.63 0.90 36.10
C LYS A 265 13.36 0.49 34.66
N THR A 266 14.18 -0.42 34.15
CA THR A 266 13.81 -1.11 32.92
C THR A 266 13.57 -2.56 33.24
N LYS A 267 13.31 -3.35 32.20
CA LYS A 267 12.95 -4.75 32.38
C LYS A 267 14.09 -5.51 33.04
N THR A 268 15.32 -5.03 32.89
CA THR A 268 16.46 -5.73 33.51
C THR A 268 16.79 -5.30 34.95
N GLY A 269 16.39 -4.10 35.37
CA GLY A 269 16.60 -3.67 36.74
C GLY A 269 16.65 -2.16 36.87
N TYR A 270 17.39 -1.64 37.85
CA TYR A 270 17.53 -0.19 38.00
C TYR A 270 18.16 0.46 36.77
N SER A 271 17.58 1.57 36.30
CA SER A 271 18.22 2.39 35.27
C SER A 271 19.45 3.15 35.80
N THR A 272 20.54 3.13 35.03
CA THR A 272 21.66 4.03 35.30
C THR A 272 21.93 4.93 34.10
N SER A 273 20.87 5.36 33.43
CA SER A 273 21.05 6.16 32.23
C SER A 273 21.71 7.49 32.57
N ALA A 274 22.27 8.18 31.57
CA ALA A 274 22.86 9.51 31.78
C ALA A 274 21.80 10.44 32.41
N ASP A 275 20.59 10.42 31.87
CA ASP A 275 19.51 11.27 32.36
C ASP A 275 19.21 11.05 33.86
N VAL A 276 19.16 9.80 34.30
CA VAL A 276 18.93 9.48 35.69
C VAL A 276 20.11 9.89 36.57
N LEU A 277 21.32 9.60 36.14
CA LEU A 277 22.48 9.92 36.94
C LEU A 277 22.60 11.44 37.09
N GLU A 278 22.33 12.20 36.03
CA GLU A 278 22.40 13.66 36.17
C GLU A 278 21.42 14.16 37.27
N LYS A 279 20.23 13.58 37.31
CA LYS A 279 19.25 13.98 38.32
C LYS A 279 19.64 13.55 39.74
N LEU A 280 20.55 12.59 39.86
CA LEU A 280 20.97 12.13 41.20
C LEU A 280 22.11 12.99 41.77
N ALA A 281 22.56 13.99 41.01
CA ALA A 281 23.73 14.78 41.45
C ALA A 281 23.52 15.50 42.81
N PRO A 282 22.27 15.85 43.17
CA PRO A 282 22.14 16.46 44.50
C PRO A 282 22.30 15.48 45.66
N TYR A 283 22.46 14.18 45.37
CA TYR A 283 22.47 13.18 46.43
C TYR A 283 23.88 12.67 46.67
N HIS A 284 24.71 12.66 45.62
CA HIS A 284 26.04 12.07 45.74
C HIS A 284 26.92 12.51 44.58
N GLU A 285 28.12 12.97 44.89
CA GLU A 285 28.99 13.47 43.82
C GLU A 285 29.47 12.35 42.92
N ILE A 286 29.32 11.10 43.35
CA ILE A 286 29.89 10.01 42.58
C ILE A 286 29.24 9.90 41.20
N VAL A 287 27.97 10.30 41.07
CA VAL A 287 27.30 10.12 39.78
C VAL A 287 27.91 10.97 38.66
N GLU A 288 28.42 12.15 38.99
CA GLU A 288 29.08 13.00 38.00
C GLU A 288 30.41 12.36 37.53
N ASN A 289 31.16 11.78 38.48
CA ASN A 289 32.40 11.09 38.14
C ASN A 289 32.14 9.90 37.21
N ILE A 290 31.11 9.12 37.54
CA ILE A 290 30.73 7.95 36.74
C ILE A 290 30.34 8.34 35.32
N LEU A 291 29.60 9.44 35.17
CA LEU A 291 29.24 9.93 33.86
C LEU A 291 30.50 10.29 33.07
N HIS A 292 31.45 10.95 33.74
CA HIS A 292 32.75 11.26 33.11
C HIS A 292 33.51 9.99 32.71
N TYR A 293 33.53 9.01 33.59
CA TYR A 293 34.24 7.76 33.32
C TYR A 293 33.63 7.07 32.08
N ARG A 294 32.32 6.94 32.02
CA ARG A 294 31.68 6.28 30.88
C ARG A 294 31.88 7.02 29.55
N GLN A 295 31.93 8.35 29.59
CA GLN A 295 32.27 9.16 28.41
C GLN A 295 33.69 8.85 27.94
N LEU A 296 34.65 8.94 28.85
CA LEU A 296 36.05 8.69 28.49
C LEU A 296 36.22 7.27 27.97
N GLY A 297 35.49 6.33 28.56
CA GLY A 297 35.68 4.91 28.25
C GLY A 297 35.22 4.64 26.82
N LYS A 298 34.17 5.36 26.38
CA LYS A 298 33.67 5.23 25.01
C LYS A 298 34.67 5.85 24.02
N LEU A 299 35.27 6.99 24.39
CA LEU A 299 36.32 7.57 23.57
C LEU A 299 37.41 6.55 23.28
N GLN A 300 37.88 5.90 24.34
CA GLN A 300 38.96 4.93 24.23
C GLN A 300 38.54 3.68 23.45
N SER A 301 37.39 3.11 23.78
CA SER A 301 37.03 1.83 23.17
C SER A 301 36.71 1.97 21.69
N THR A 302 36.10 3.11 21.35
CA THR A 302 35.47 3.28 20.05
C THR A 302 36.24 4.22 19.14
N TYR A 303 36.64 5.38 19.66
CA TYR A 303 37.25 6.40 18.80
C TYR A 303 38.78 6.36 18.79
N ILE A 304 39.36 5.58 19.69
CA ILE A 304 40.80 5.32 19.65
C ILE A 304 41.06 3.87 19.24
N GLU A 305 40.72 2.91 20.09
CA GLU A 305 40.97 1.51 19.79
C GLU A 305 40.17 1.01 18.58
N GLY A 306 38.87 1.31 18.56
CA GLY A 306 38.03 0.87 17.47
C GLY A 306 38.44 1.44 16.13
N LEU A 307 38.78 2.72 16.13
CA LEU A 307 39.18 3.41 14.92
C LEU A 307 40.53 2.87 14.42
N LEU A 308 41.49 2.67 15.32
CA LEU A 308 42.82 2.20 14.92
C LEU A 308 42.76 0.77 14.34
N LYS A 309 41.88 -0.07 14.87
CA LYS A 309 41.63 -1.41 14.30
C LYS A 309 41.24 -1.40 12.82
N VAL A 310 40.58 -0.35 12.37
CA VAL A 310 40.09 -0.31 10.97
C VAL A 310 40.89 0.58 10.02
N VAL A 311 41.93 1.24 10.52
CA VAL A 311 42.89 1.93 9.69
C VAL A 311 43.66 0.91 8.82
N ARG A 312 43.76 1.18 7.52
CA ARG A 312 44.58 0.35 6.64
C ARG A 312 46.02 0.83 6.83
N PRO A 313 46.89 -0.03 7.37
CA PRO A 313 48.21 0.44 7.86
C PRO A 313 49.12 1.08 6.83
N ALA A 314 49.07 0.64 5.58
CA ALA A 314 49.96 1.20 4.55
C ALA A 314 49.62 2.62 4.12
N THR A 315 48.32 2.99 4.11
CA THR A 315 47.88 4.29 3.63
C THR A 315 47.38 5.18 4.79
N LYS A 316 47.21 4.54 5.94
CA LYS A 316 46.65 5.17 7.13
C LYS A 316 45.25 5.70 6.86
N LYS A 317 44.54 5.12 5.89
CA LYS A 317 43.19 5.58 5.60
C LYS A 317 42.12 4.67 6.24
N VAL A 318 40.97 5.28 6.57
CA VAL A 318 39.78 4.51 6.96
C VAL A 318 38.74 4.61 5.85
N HIS A 319 38.07 3.51 5.57
CA HIS A 319 37.08 3.47 4.48
C HIS A 319 35.72 3.05 4.98
N THR A 320 34.84 4.02 5.21
CA THR A 320 33.49 3.72 5.73
C THR A 320 32.66 3.12 4.61
N ILE A 321 31.52 2.56 4.98
CA ILE A 321 30.52 2.17 3.99
C ILE A 321 29.25 2.95 4.33
N PHE A 322 28.79 3.78 3.38
CA PHE A 322 27.54 4.50 3.54
C PHE A 322 26.38 3.64 3.07
N ASN A 323 25.55 3.20 4.00
N ASN A 323 25.54 3.22 3.99
CA ASN A 323 24.39 2.37 3.66
CA ASN A 323 24.39 2.38 3.66
C ASN A 323 23.30 3.28 3.14
C ASN A 323 23.28 3.27 3.15
N GLN A 324 22.97 3.11 1.86
CA GLN A 324 22.04 3.99 1.17
C GLN A 324 20.62 3.43 1.19
N ALA A 325 20.46 2.20 1.66
CA ALA A 325 19.15 1.56 1.54
C ALA A 325 18.74 0.96 2.87
N LEU A 326 18.92 1.72 3.94
CA LEU A 326 18.66 1.21 5.27
C LEU A 326 17.67 2.08 6.04
N THR A 327 17.87 3.40 6.11
CA THR A 327 17.06 4.14 7.06
C THR A 327 15.63 4.29 6.53
N GLN A 328 14.68 4.43 7.45
CA GLN A 328 13.28 4.46 7.07
C GLN A 328 12.84 5.82 6.53
N THR A 329 13.68 6.83 6.66
CA THR A 329 13.35 8.20 6.25
C THR A 329 14.11 8.68 5.00
N GLY A 330 15.07 7.89 4.52
CA GLY A 330 15.85 8.29 3.35
C GLY A 330 17.21 8.88 3.69
N ARG A 331 17.52 9.01 4.98
CA ARG A 331 18.87 9.34 5.37
C ARG A 331 19.85 8.23 4.98
N LEU A 332 21.14 8.55 4.96
CA LEU A 332 22.18 7.55 4.87
C LEU A 332 22.53 7.07 6.28
N SER A 333 23.18 5.90 6.38
CA SER A 333 23.92 5.58 7.61
C SER A 333 25.37 5.23 7.25
N SER A 334 26.25 5.16 8.26
CA SER A 334 27.68 4.96 8.03
C SER A 334 28.14 3.85 8.97
N THR A 335 28.86 2.86 8.42
CA THR A 335 29.30 1.70 9.20
C THR A 335 30.76 1.30 8.96
N GLU A 336 31.36 0.70 9.98
CA GLU A 336 32.67 0.04 9.93
C GLU A 336 33.80 0.82 9.27
N PRO A 337 34.16 1.99 9.85
CA PRO A 337 33.57 2.56 11.06
C PRO A 337 32.46 3.56 10.75
N ASN A 338 31.68 3.90 11.77
CA ASN A 338 30.73 4.99 11.59
C ASN A 338 31.51 6.29 11.65
N LEU A 339 31.49 7.07 10.59
CA LEU A 339 32.16 8.37 10.59
C LEU A 339 31.13 9.52 10.68
N GLN A 340 29.88 9.17 11.01
CA GLN A 340 28.81 10.17 11.16
C GLN A 340 28.55 10.42 12.62
N ASN A 341 29.30 9.78 13.51
CA ASN A 341 29.13 10.08 14.94
C ASN A 341 30.46 10.31 15.67
N ILE A 342 31.39 10.97 15.00
CA ILE A 342 32.66 11.32 15.62
C ILE A 342 32.39 12.45 16.61
N PRO A 343 32.99 12.39 17.82
CA PRO A 343 32.63 13.42 18.83
C PRO A 343 32.92 14.86 18.44
N ILE A 344 32.02 15.73 18.91
CA ILE A 344 32.14 17.17 18.69
C ILE A 344 31.60 17.97 19.86
N ARG A 345 30.70 17.39 20.66
CA ARG A 345 29.90 18.21 21.59
C ARG A 345 30.65 18.62 22.86
N LEU A 346 31.59 17.79 23.33
CA LEU A 346 32.45 18.14 24.46
C LEU A 346 33.88 18.32 23.96
N GLU A 347 34.61 19.30 24.50
CA GLU A 347 35.98 19.51 24.03
C GLU A 347 36.83 18.23 24.18
N GLU A 348 36.63 17.51 25.28
CA GLU A 348 37.39 16.30 25.54
C GLU A 348 37.32 15.30 24.37
N GLY A 349 36.11 15.05 23.87
CA GLY A 349 35.95 14.13 22.74
C GLY A 349 36.24 14.78 21.40
N ARG A 350 35.93 16.07 21.30
CA ARG A 350 36.09 16.80 20.06
C ARG A 350 37.54 16.69 19.53
N LYS A 351 38.50 16.54 20.43
CA LYS A 351 39.91 16.52 20.02
C LYS A 351 40.24 15.28 19.20
N ILE A 352 39.34 14.30 19.22
CA ILE A 352 39.52 13.14 18.35
C ILE A 352 39.61 13.59 16.90
N ARG A 353 39.00 14.73 16.57
CA ARG A 353 38.91 15.14 15.19
C ARG A 353 40.23 15.71 14.67
N GLN A 354 41.20 15.88 15.55
CA GLN A 354 42.52 16.35 15.15
C GLN A 354 43.28 15.21 14.46
N ALA A 355 42.75 13.99 14.59
CA ALA A 355 43.41 12.82 14.01
C ALA A 355 42.94 12.55 12.58
N PHE A 356 41.95 13.31 12.12
CA PHE A 356 41.44 13.17 10.77
C PHE A 356 42.05 14.28 9.93
N VAL A 357 42.92 13.92 9.00
CA VAL A 357 43.75 14.87 8.27
C VAL A 357 43.58 14.71 6.78
N PRO A 358 44.02 15.73 6.00
CA PRO A 358 43.99 15.65 4.53
C PRO A 358 44.88 14.51 4.04
N SER A 359 44.61 14.00 2.84
CA SER A 359 45.30 12.82 2.34
C SER A 359 46.59 13.14 1.60
N GLU A 360 46.83 14.43 1.38
CA GLU A 360 48.04 14.90 0.71
C GLU A 360 48.54 16.13 1.46
N SER A 361 49.84 16.40 1.40
CA SER A 361 50.38 17.59 2.05
C SER A 361 49.95 18.86 1.29
N ASP A 362 49.82 19.95 2.04
CA ASP A 362 49.36 21.23 1.50
C ASP A 362 47.89 21.16 1.06
N TRP A 363 47.18 20.16 1.56
CA TRP A 363 45.73 20.09 1.40
C TRP A 363 45.08 20.46 2.73
N LEU A 364 43.79 20.74 2.69
CA LEU A 364 43.04 21.11 3.89
C LEU A 364 41.69 20.40 3.91
N ILE A 365 41.05 20.39 5.07
CA ILE A 365 39.69 19.88 5.22
C ILE A 365 38.67 21.02 5.18
N PHE A 366 37.67 20.92 4.29
CA PHE A 366 36.60 21.91 4.19
C PHE A 366 35.28 21.30 4.68
N ALA A 367 34.62 21.93 5.65
CA ALA A 367 33.37 21.42 6.21
C ALA A 367 32.22 22.43 6.07
N ALA A 368 31.07 21.99 5.54
CA ALA A 368 29.88 22.84 5.44
C ALA A 368 28.63 22.22 6.10
N ASP A 369 27.83 23.04 6.78
CA ASP A 369 26.69 22.56 7.57
C ASP A 369 25.46 23.40 7.25
N TYR A 370 24.33 22.77 6.98
CA TYR A 370 23.07 23.50 6.77
C TYR A 370 22.57 24.14 8.06
N SER A 371 22.23 25.41 8.02
CA SER A 371 21.70 26.10 9.20
C SER A 371 20.24 25.74 9.47
N GLN A 372 19.93 25.40 10.72
CA GLN A 372 18.56 25.10 11.15
C GLN A 372 17.77 24.35 10.08
N ILE A 373 18.35 23.27 9.56
CA ILE A 373 17.86 22.70 8.32
C ILE A 373 16.43 22.19 8.34
N GLU A 374 16.05 21.41 9.35
CA GLU A 374 14.74 20.77 9.29
C GLU A 374 13.66 21.77 9.68
N LEU A 375 14.07 22.83 10.38
CA LEU A 375 13.14 23.93 10.70
C LEU A 375 12.80 24.74 9.45
N ARG A 376 13.75 24.91 8.54
CA ARG A 376 13.47 25.59 7.27
C ARG A 376 12.51 24.75 6.43
N VAL A 377 12.88 23.50 6.22
CA VAL A 377 12.03 22.54 5.53
C VAL A 377 10.61 22.52 6.11
N LEU A 378 10.50 22.52 7.44
CA LEU A 378 9.19 22.48 8.09
C LEU A 378 8.39 23.72 7.79
N ALA A 379 9.06 24.87 7.81
CA ALA A 379 8.43 26.13 7.47
C ALA A 379 7.82 26.04 6.07
N HIS A 380 8.59 25.50 5.13
CA HIS A 380 8.18 25.39 3.74
C HIS A 380 7.00 24.45 3.57
N ILE A 381 7.07 23.29 4.20
CA ILE A 381 6.03 22.28 4.05
C ILE A 381 4.76 22.65 4.83
N ALA A 382 4.93 23.19 6.02
CA ALA A 382 3.79 23.58 6.84
C ALA A 382 3.26 24.96 6.39
N GLU A 383 4.08 25.67 5.63
CA GLU A 383 3.77 27.03 5.21
C GLU A 383 3.33 27.89 6.39
N ASP A 384 4.03 27.76 7.52
CA ASP A 384 3.74 28.56 8.72
C ASP A 384 4.21 30.00 8.54
N ASP A 385 3.33 30.95 8.86
CA ASP A 385 3.59 32.38 8.66
C ASP A 385 4.76 32.91 9.47
N ASN A 386 4.69 32.76 10.79
CA ASN A 386 5.72 33.28 11.68
C ASN A 386 7.07 32.62 11.44
N LEU A 387 7.07 31.33 11.13
CA LEU A 387 8.32 30.61 10.91
C LEU A 387 8.93 31.00 9.57
N MET A 388 8.11 30.99 8.52
CA MET A 388 8.60 31.36 7.20
C MET A 388 9.19 32.78 7.29
N GLU A 389 8.52 33.65 8.04
CA GLU A 389 9.00 35.02 8.22
C GLU A 389 10.32 35.04 8.97
N ALA A 390 10.42 34.22 10.02
CA ALA A 390 11.58 34.23 10.91
C ALA A 390 12.88 33.96 10.17
N PHE A 391 12.81 33.21 9.07
CA PHE A 391 14.01 32.88 8.31
C PHE A 391 14.31 33.93 7.24
N ARG A 392 13.27 34.65 6.82
CA ARG A 392 13.46 35.78 5.93
C ARG A 392 14.12 36.92 6.71
N ARG A 393 13.84 36.97 8.01
CA ARG A 393 14.48 37.92 8.89
C ARG A 393 15.81 37.38 9.41
N ASP A 394 16.21 36.21 8.89
CA ASP A 394 17.48 35.57 9.24
C ASP A 394 17.63 35.38 10.75
N LEU A 395 16.55 34.97 11.41
CA LEU A 395 16.59 34.73 12.84
C LEU A 395 17.22 33.38 13.15
N ASP A 396 17.72 33.22 14.37
CA ASP A 396 18.21 31.92 14.81
C ASP A 396 17.27 31.39 15.87
N ILE A 397 16.32 30.56 15.45
CA ILE A 397 15.32 30.05 16.36
C ILE A 397 15.91 29.21 17.50
N HIS A 398 17.05 28.55 17.26
CA HIS A 398 17.68 27.78 18.34
C HIS A 398 18.13 28.69 19.49
N THR A 399 18.81 29.78 19.15
CA THR A 399 19.31 30.73 20.15
C THR A 399 18.18 31.53 20.82
N LYS A 400 17.17 31.91 20.04
CA LYS A 400 16.02 32.59 20.61
C LYS A 400 15.38 31.67 21.66
N THR A 401 15.12 30.43 21.27
CA THR A 401 14.56 29.46 22.20
C THR A 401 15.43 29.35 23.45
N ALA A 402 16.75 29.38 23.27
CA ALA A 402 17.68 29.30 24.37
C ALA A 402 17.52 30.48 25.35
N MET A 403 17.49 31.69 24.82
CA MET A 403 17.31 32.89 25.64
C MET A 403 16.06 32.76 26.49
N ASP A 404 15.00 32.26 25.88
CA ASP A 404 13.73 32.07 26.56
C ASP A 404 13.83 31.00 27.65
N ILE A 405 14.34 29.83 27.28
CA ILE A 405 14.35 28.70 28.20
C ILE A 405 15.21 28.94 29.46
N PHE A 406 16.36 29.58 29.28
CA PHE A 406 17.29 29.79 30.40
C PHE A 406 17.21 31.21 30.96
N GLN A 407 16.29 32.02 30.43
CA GLN A 407 16.12 33.40 30.84
C GLN A 407 17.45 34.15 30.81
N VAL A 408 18.04 34.20 29.61
CA VAL A 408 19.30 34.89 29.41
C VAL A 408 19.20 35.75 28.16
N SER A 409 20.18 36.63 27.97
CA SER A 409 20.22 37.49 26.80
C SER A 409 20.92 36.80 25.63
N GLU A 410 20.76 37.36 24.43
CA GLU A 410 21.40 36.83 23.25
C GLU A 410 22.92 37.02 23.27
N ASP A 411 23.51 36.97 24.46
CA ASP A 411 24.96 36.99 24.60
C ASP A 411 25.40 36.12 25.77
N GLU A 412 24.43 35.62 26.53
CA GLU A 412 24.69 34.68 27.61
C GLU A 412 24.40 33.26 27.12
N VAL A 413 24.09 33.13 25.83
CA VAL A 413 23.79 31.82 25.27
C VAL A 413 25.06 31.15 24.77
N THR A 414 25.52 30.15 25.50
CA THR A 414 26.66 29.35 25.10
C THR A 414 26.27 28.36 24.00
N PRO A 415 27.27 27.76 23.35
CA PRO A 415 27.02 26.70 22.37
C PRO A 415 26.23 25.52 22.97
N ASN A 416 26.59 25.13 24.18
CA ASN A 416 25.88 24.03 24.85
C ASN A 416 24.42 24.38 25.09
N MET A 417 24.17 25.59 25.55
CA MET A 417 22.81 26.10 25.73
C MET A 417 22.06 26.13 24.40
N ARG A 418 22.75 26.55 23.33
CA ARG A 418 22.09 26.58 22.03
C ARG A 418 21.79 25.16 21.56
N ARG A 419 22.68 24.21 21.85
CA ARG A 419 22.44 22.81 21.49
C ARG A 419 21.25 22.25 22.25
N GLN A 420 21.12 22.63 23.52
CA GLN A 420 20.03 22.15 24.36
C GLN A 420 18.69 22.72 23.87
N ALA A 421 18.73 23.95 23.37
CA ALA A 421 17.54 24.56 22.81
C ALA A 421 17.16 23.88 21.51
N LYS A 422 18.16 23.44 20.76
CA LYS A 422 17.93 22.80 19.47
C LYS A 422 17.08 21.54 19.70
N ALA A 423 17.45 20.76 20.71
CA ALA A 423 16.71 19.54 21.00
C ALA A 423 15.30 19.84 21.47
N VAL A 424 15.12 20.98 22.12
CA VAL A 424 13.78 21.39 22.52
C VAL A 424 12.96 21.81 21.28
N ASN A 425 13.56 22.58 20.39
CA ASN A 425 12.82 23.02 19.20
C ASN A 425 12.38 21.84 18.35
N TYR A 426 13.28 20.90 18.12
CA TYR A 426 12.91 19.71 17.36
C TYR A 426 12.00 18.80 18.17
N GLY A 427 12.32 18.60 19.45
CA GLY A 427 11.47 17.81 20.31
C GLY A 427 10.01 18.18 20.13
N ILE A 428 9.74 19.48 20.19
CA ILE A 428 8.36 19.96 20.21
C ILE A 428 7.67 19.70 18.87
N VAL A 429 8.30 20.07 17.76
CA VAL A 429 7.65 19.89 16.45
C VAL A 429 7.49 18.39 16.19
N TYR A 430 8.34 17.57 16.79
CA TYR A 430 8.25 16.12 16.59
C TYR A 430 7.49 15.39 17.70
N GLY A 431 6.71 16.11 18.49
CA GLY A 431 5.71 15.46 19.33
C GLY A 431 6.05 15.18 20.80
N ILE A 432 7.09 15.82 21.32
CA ILE A 432 7.44 15.62 22.72
C ILE A 432 6.25 16.01 23.64
N SER A 433 6.09 15.30 24.75
CA SER A 433 5.03 15.64 25.69
C SER A 433 5.53 16.56 26.81
N ASP A 434 4.63 17.03 27.65
CA ASP A 434 5.05 17.83 28.79
C ASP A 434 5.99 16.99 29.68
N TYR A 435 5.70 15.69 29.81
CA TYR A 435 6.53 14.83 30.66
C TYR A 435 7.95 14.75 30.10
N GLY A 436 8.02 14.51 28.81
CA GLY A 436 9.30 14.43 28.12
C GLY A 436 10.10 15.70 28.21
N LEU A 437 9.45 16.83 27.97
CA LEU A 437 10.16 18.10 28.01
C LEU A 437 10.57 18.41 29.45
N ALA A 438 9.69 18.12 30.42
CA ALA A 438 10.05 18.36 31.82
C ALA A 438 11.29 17.56 32.20
N GLN A 439 11.32 16.29 31.81
CA GLN A 439 12.46 15.43 32.10
C GLN A 439 13.71 15.88 31.36
N ASN A 440 13.53 16.38 30.13
CA ASN A 440 14.66 16.81 29.33
C ASN A 440 15.39 18.01 29.93
N LEU A 441 14.63 19.02 30.36
CA LEU A 441 15.21 20.25 30.91
C LEU A 441 15.26 20.23 32.44
N ASN A 442 14.78 19.15 33.03
CA ASN A 442 14.66 19.01 34.48
C ASN A 442 13.90 20.17 35.12
N ILE A 443 12.73 20.46 34.56
CA ILE A 443 11.82 21.50 35.05
C ILE A 443 10.47 20.88 35.41
N SER A 444 9.57 21.67 35.98
CA SER A 444 8.26 21.14 36.35
C SER A 444 7.46 20.84 35.08
N ARG A 445 6.58 19.84 35.14
CA ARG A 445 5.75 19.50 34.00
C ARG A 445 4.83 20.65 33.64
N LYS A 446 4.39 21.39 34.64
CA LYS A 446 3.55 22.56 34.41
C LYS A 446 4.28 23.60 33.57
N GLU A 447 5.55 23.84 33.91
CA GLU A 447 6.39 24.78 33.17
C GLU A 447 6.65 24.25 31.76
N ALA A 448 6.86 22.95 31.65
CA ALA A 448 7.10 22.34 30.35
C ALA A 448 5.89 22.51 29.45
N ALA A 449 4.70 22.25 29.99
CA ALA A 449 3.46 22.39 29.23
C ALA A 449 3.32 23.82 28.71
N GLU A 450 3.76 24.79 29.50
CA GLU A 450 3.68 26.19 29.09
C GLU A 450 4.60 26.52 27.92
N PHE A 451 5.81 25.98 27.92
CA PHE A 451 6.73 26.24 26.81
C PHE A 451 6.11 25.72 25.53
N ILE A 452 5.53 24.53 25.61
CA ILE A 452 4.91 23.91 24.45
C ILE A 452 3.74 24.78 23.95
N GLU A 453 2.96 25.34 24.87
CA GLU A 453 1.84 26.19 24.51
C GLU A 453 2.29 27.49 23.85
N ARG A 454 3.31 28.11 24.42
CA ARG A 454 3.83 29.35 23.86
C ARG A 454 4.61 29.11 22.56
N TYR A 455 4.96 27.85 22.31
CA TYR A 455 5.66 27.49 21.08
C TYR A 455 4.69 27.40 19.90
N PHE A 456 3.56 26.75 20.10
CA PHE A 456 2.58 26.56 19.04
C PHE A 456 1.72 27.81 18.85
N GLU A 457 1.89 28.79 19.75
CA GLU A 457 1.25 30.09 19.58
C GLU A 457 2.09 30.95 18.64
N SER A 458 3.41 30.87 18.81
CA SER A 458 4.33 31.56 17.90
C SER A 458 4.21 31.02 16.48
N PHE A 459 4.06 29.69 16.37
CA PHE A 459 4.01 29.04 15.06
C PHE A 459 2.77 28.18 14.94
N PRO A 460 1.62 28.82 14.65
CA PRO A 460 0.35 28.09 14.61
C PRO A 460 0.20 27.18 13.39
N GLY A 461 0.85 27.52 12.27
CA GLY A 461 0.74 26.74 11.05
C GLY A 461 1.40 25.38 11.18
N VAL A 462 2.48 25.36 11.95
CA VAL A 462 3.17 24.12 12.31
C VAL A 462 2.20 23.18 13.01
N LYS A 463 1.50 23.68 14.02
CA LYS A 463 0.52 22.86 14.75
C LYS A 463 -0.54 22.28 13.80
N ARG A 464 -1.04 23.09 12.86
CA ARG A 464 -2.06 22.61 11.93
C ARG A 464 -1.50 21.53 11.02
N TYR A 465 -0.28 21.77 10.54
CA TYR A 465 0.37 20.82 9.67
C TYR A 465 0.52 19.46 10.35
N MET A 466 0.89 19.48 11.64
CA MET A 466 1.08 18.24 12.36
C MET A 466 -0.23 17.47 12.58
N GLU A 467 -1.31 18.18 12.93
CA GLU A 467 -2.63 17.55 12.99
C GLU A 467 -3.03 17.03 11.61
N ASN A 468 -2.84 17.85 10.59
CA ASN A 468 -3.23 17.46 9.24
C ASN A 468 -2.46 16.26 8.67
N ILE A 469 -1.14 16.20 8.89
CA ILE A 469 -0.34 15.10 8.32
C ILE A 469 -0.63 13.77 9.01
N VAL A 470 -1.02 13.84 10.28
CA VAL A 470 -1.42 12.62 10.96
C VAL A 470 -2.72 12.08 10.35
N GLN A 471 -3.68 12.95 10.11
CA GLN A 471 -4.97 12.53 9.55
C GLN A 471 -4.77 11.90 8.16
N GLU A 472 -4.04 12.60 7.31
CA GLU A 472 -3.64 12.07 6.00
C GLU A 472 -2.99 10.68 6.07
N ALA A 473 -2.03 10.50 6.97
CA ALA A 473 -1.39 9.20 7.09
C ALA A 473 -2.41 8.12 7.40
N LYS A 474 -3.37 8.43 8.29
CA LYS A 474 -4.42 7.46 8.64
C LYS A 474 -5.30 7.13 7.41
N GLN A 475 -5.51 8.09 6.54
CA GLN A 475 -6.34 7.88 5.33
C GLN A 475 -5.63 7.12 4.19
N LYS A 476 -4.34 7.41 3.98
CA LYS A 476 -3.58 6.82 2.88
C LYS A 476 -2.75 5.63 3.29
N GLY A 477 -2.24 5.69 4.52
CA GLY A 477 -1.47 4.60 5.06
C GLY A 477 0.02 4.80 4.79
N TYR A 478 0.38 5.98 4.28
CA TYR A 478 1.78 6.36 4.06
C TYR A 478 1.93 7.88 4.06
N VAL A 479 3.17 8.35 4.24
CA VAL A 479 3.53 9.76 4.07
C VAL A 479 4.64 9.89 3.06
N THR A 480 4.89 11.10 2.58
CA THR A 480 5.82 11.29 1.44
C THR A 480 6.69 12.50 1.67
N THR A 481 7.81 12.57 0.96
CA THR A 481 8.70 13.72 1.04
C THR A 481 8.61 14.58 -0.21
N LEU A 482 9.34 15.69 -0.21
CA LEU A 482 9.37 16.61 -1.35
C LEU A 482 9.69 15.91 -2.67
N LEU A 483 10.65 14.99 -2.66
CA LEU A 483 11.06 14.33 -3.89
C LEU A 483 10.37 12.98 -4.07
N HIS A 484 9.27 12.79 -3.35
CA HIS A 484 8.37 11.65 -3.56
C HIS A 484 8.85 10.38 -2.90
N ARG A 485 9.78 10.50 -1.96
CA ARG A 485 10.10 9.37 -1.09
C ARG A 485 8.86 9.03 -0.25
N ARG A 486 8.66 7.75 0.06
CA ARG A 486 7.47 7.32 0.76
C ARG A 486 7.84 6.46 2.00
N ARG A 487 7.03 6.55 3.06
CA ARG A 487 7.12 5.62 4.18
C ARG A 487 5.72 5.10 4.53
N TYR A 488 5.51 3.79 4.52
CA TYR A 488 4.22 3.24 4.91
C TYR A 488 4.09 3.16 6.44
N LEU A 489 2.89 3.33 6.95
CA LEU A 489 2.71 3.40 8.39
C LEU A 489 1.45 2.63 8.74
N PRO A 490 1.49 1.31 8.53
CA PRO A 490 0.30 0.47 8.73
C PRO A 490 -0.22 0.51 10.19
N ASP A 491 0.64 0.88 11.14
CA ASP A 491 0.24 0.88 12.55
C ASP A 491 -0.56 2.11 12.95
N ILE A 492 -0.70 3.08 12.05
CA ILE A 492 -1.26 4.35 12.46
C ILE A 492 -2.77 4.31 12.78
N THR A 493 -3.46 3.26 12.37
CA THR A 493 -4.89 3.15 12.68
C THR A 493 -5.12 2.10 13.75
N SER A 494 -4.06 1.76 14.47
CA SER A 494 -4.12 0.73 15.49
C SER A 494 -5.06 1.13 16.61
N ARG A 495 -5.71 0.14 17.23
CA ARG A 495 -6.54 0.37 18.40
C ARG A 495 -5.66 0.57 19.63
N ASN A 496 -4.41 0.10 19.54
CA ASN A 496 -3.45 0.20 20.63
C ASN A 496 -2.81 1.59 20.72
N PHE A 497 -2.94 2.23 21.88
CA PHE A 497 -2.52 3.61 22.07
C PHE A 497 -1.03 3.81 21.78
N ASN A 498 -0.20 2.96 22.36
CA ASN A 498 1.23 3.16 22.26
C ASN A 498 1.69 2.95 20.82
N VAL A 499 1.22 1.86 20.22
CA VAL A 499 1.58 1.54 18.84
C VAL A 499 1.12 2.67 17.92
N ARG A 500 -0.11 3.11 18.11
CA ARG A 500 -0.68 4.17 17.29
C ARG A 500 0.06 5.49 17.47
N SER A 501 0.42 5.81 18.69
CA SER A 501 1.13 7.05 18.98
C SER A 501 2.51 7.10 18.34
N PHE A 502 3.25 6.00 18.41
CA PHE A 502 4.55 5.95 17.73
C PHE A 502 4.39 6.25 16.25
N ALA A 503 3.39 5.62 15.61
CA ALA A 503 3.21 5.78 14.18
C ALA A 503 2.84 7.22 13.89
N GLU A 504 2.08 7.84 14.79
CA GLU A 504 1.68 9.22 14.57
C GLU A 504 2.87 10.17 14.63
N ARG A 505 3.80 9.91 15.53
CA ARG A 505 5.01 10.73 15.59
C ARG A 505 5.95 10.50 14.38
N MET A 506 5.92 9.32 13.78
CA MET A 506 6.69 9.07 12.55
C MET A 506 6.06 9.87 11.44
N ALA A 507 4.73 9.91 11.43
CA ALA A 507 4.07 10.75 10.44
C ALA A 507 4.47 12.22 10.61
N MET A 508 4.69 12.68 11.85
CA MET A 508 5.11 14.07 12.05
C MET A 508 6.55 14.30 11.60
N ASN A 509 7.41 13.34 11.91
CA ASN A 509 8.84 13.53 11.66
C ASN A 509 9.27 13.17 10.24
N THR A 510 8.78 12.05 9.70
CA THR A 510 9.38 11.44 8.50
C THR A 510 9.39 12.39 7.26
N PRO A 511 8.26 13.05 7.00
CA PRO A 511 8.24 14.00 5.88
C PRO A 511 9.30 15.10 6.00
N ILE A 512 9.67 15.48 7.22
CA ILE A 512 10.59 16.58 7.42
C ILE A 512 12.06 16.12 7.37
N GLN A 513 12.41 15.14 8.19
CA GLN A 513 13.76 14.58 8.16
C GLN A 513 14.06 14.03 6.76
N GLY A 514 13.05 13.41 6.14
CA GLY A 514 13.24 12.75 4.86
C GLY A 514 13.34 13.75 3.73
N SER A 515 12.58 14.85 3.81
CA SER A 515 12.71 15.91 2.81
C SER A 515 14.09 16.55 2.93
N ALA A 516 14.59 16.69 4.15
CA ALA A 516 15.91 17.23 4.35
C ALA A 516 16.99 16.29 3.84
N ALA A 517 16.72 14.97 3.87
CA ALA A 517 17.64 14.01 3.30
C ALA A 517 17.66 14.17 1.79
N ASP A 518 16.49 14.31 1.18
CA ASP A 518 16.39 14.53 -0.26
C ASP A 518 17.27 15.70 -0.72
N ILE A 519 17.27 16.77 0.06
CA ILE A 519 17.93 18.03 -0.31
C ILE A 519 19.43 17.88 -0.33
N ILE A 520 20.00 17.33 0.74
CA ILE A 520 21.45 17.20 0.79
C ILE A 520 21.91 16.21 -0.25
N LYS A 521 21.10 15.18 -0.55
CA LYS A 521 21.40 14.22 -1.62
C LYS A 521 21.49 14.92 -2.99
N LYS A 522 20.53 15.80 -3.28
CA LYS A 522 20.59 16.55 -4.53
C LYS A 522 21.79 17.49 -4.55
N ALA A 523 22.12 18.06 -3.40
CA ALA A 523 23.29 18.95 -3.27
C ALA A 523 24.61 18.24 -3.53
N MET A 524 24.71 16.97 -3.16
CA MET A 524 25.95 16.25 -3.43
C MET A 524 26.12 16.07 -4.94
N ILE A 525 25.03 15.74 -5.64
CA ILE A 525 25.09 15.46 -7.07
C ILE A 525 25.50 16.71 -7.87
N ASP A 526 24.81 17.81 -7.60
CA ASP A 526 25.13 19.10 -8.24
C ASP A 526 26.55 19.56 -7.92
N LEU A 527 26.94 19.44 -6.65
CA LEU A 527 28.28 19.85 -6.23
C LEU A 527 29.37 19.13 -7.04
N ASN A 528 29.26 17.81 -7.18
CA ASN A 528 30.24 17.08 -7.97
C ASN A 528 30.29 17.53 -9.41
N ALA A 529 29.13 17.71 -10.02
CA ALA A 529 29.05 18.25 -11.37
C ALA A 529 29.80 19.57 -11.47
N ARG A 530 29.69 20.41 -10.45
CA ARG A 530 30.36 21.71 -10.45
C ARG A 530 31.86 21.56 -10.25
N LEU A 531 32.25 20.62 -9.40
CA LEU A 531 33.67 20.36 -9.17
C LEU A 531 34.33 19.91 -10.47
N LYS A 532 33.60 19.13 -11.27
CA LYS A 532 34.19 18.57 -12.50
C LYS A 532 34.31 19.64 -13.59
N GLU A 533 33.25 20.42 -13.79
CA GLU A 533 33.25 21.43 -14.85
C GLU A 533 34.28 22.53 -14.59
N GLU A 534 34.64 22.74 -13.33
CA GLU A 534 35.67 23.71 -12.98
C GLU A 534 37.01 23.02 -12.79
N ARG A 535 37.01 21.71 -13.07
CA ARG A 535 38.18 20.84 -12.93
C ARG A 535 39.04 21.17 -11.70
N LEU A 536 38.38 21.17 -10.54
CA LEU A 536 39.06 21.31 -9.26
C LEU A 536 39.48 19.93 -8.78
N GLN A 537 40.52 19.89 -7.96
CA GLN A 537 41.00 18.63 -7.40
C GLN A 537 40.16 18.24 -6.18
N ALA A 538 39.52 19.23 -5.58
CA ALA A 538 38.67 19.03 -4.41
C ALA A 538 37.74 17.85 -4.61
N HIS A 539 37.48 17.11 -3.54
CA HIS A 539 36.52 16.03 -3.63
C HIS A 539 35.89 15.78 -2.26
N LEU A 540 34.67 15.24 -2.30
CA LEU A 540 33.93 14.89 -1.10
C LEU A 540 34.58 13.74 -0.36
N LEU A 541 34.61 13.85 0.97
CA LEU A 541 35.04 12.76 1.83
C LEU A 541 33.86 12.13 2.57
N LEU A 542 33.03 12.96 3.17
CA LEU A 542 31.96 12.45 4.01
C LEU A 542 30.70 13.28 3.89
N GLN A 543 29.56 12.63 4.14
CA GLN A 543 28.31 13.31 4.37
C GLN A 543 27.90 12.96 5.79
N VAL A 544 27.39 13.94 6.53
CA VAL A 544 26.95 13.70 7.90
C VAL A 544 25.57 14.29 8.07
N HIS A 545 24.65 13.83 7.24
CA HIS A 545 23.22 14.06 7.34
C HIS A 545 22.79 15.42 6.81
N ASP A 546 23.44 16.46 7.30
CA ASP A 546 23.19 17.80 6.79
C ASP A 546 24.52 18.53 6.74
N GLU A 547 25.60 17.76 6.64
CA GLU A 547 26.94 18.30 6.48
C GLU A 547 27.67 17.60 5.35
N LEU A 548 28.52 18.33 4.64
CA LEU A 548 29.39 17.74 3.62
C LEU A 548 30.81 18.13 3.96
N ILE A 549 31.69 17.13 4.00
CA ILE A 549 33.09 17.32 4.32
C ILE A 549 33.94 17.01 3.08
N LEU A 550 34.79 17.95 2.68
CA LEU A 550 35.68 17.73 1.54
C LEU A 550 37.14 17.90 1.98
N GLU A 551 38.06 17.46 1.13
CA GLU A 551 39.46 17.86 1.25
C GLU A 551 39.91 18.41 -0.11
N ALA A 552 40.86 19.35 -0.11
CA ALA A 552 41.31 19.97 -1.37
C ALA A 552 42.67 20.64 -1.21
N PRO A 553 43.36 20.88 -2.33
CA PRO A 553 44.58 21.71 -2.27
C PRO A 553 44.29 23.03 -1.57
N LYS A 554 45.24 23.56 -0.83
CA LYS A 554 45.01 24.82 -0.12
C LYS A 554 44.64 25.95 -1.09
N GLU A 555 45.14 25.90 -2.32
CA GLU A 555 44.90 26.97 -3.28
C GLU A 555 43.45 27.03 -3.75
N GLU A 556 42.66 26.04 -3.36
CA GLU A 556 41.26 25.97 -3.80
C GLU A 556 40.28 26.42 -2.73
N MET A 557 40.79 26.87 -1.59
CA MET A 557 39.93 27.20 -0.46
C MET A 557 39.01 28.38 -0.73
N GLU A 558 39.50 29.40 -1.44
CA GLU A 558 38.71 30.59 -1.70
C GLU A 558 37.55 30.27 -2.66
N ARG A 559 37.84 29.44 -3.66
CA ARG A 559 36.82 29.06 -4.64
C ARG A 559 35.78 28.13 -4.05
N LEU A 560 36.19 27.26 -3.11
CA LEU A 560 35.24 26.40 -2.40
C LEU A 560 34.34 27.24 -1.49
N CYS A 561 34.93 28.26 -0.87
CA CYS A 561 34.19 29.13 0.04
C CYS A 561 32.98 29.73 -0.68
N ARG A 562 33.04 29.80 -2.00
CA ARG A 562 31.92 30.28 -2.79
C ARG A 562 31.11 29.11 -3.34
N LEU A 563 31.80 28.18 -3.96
CA LEU A 563 31.18 27.08 -4.68
C LEU A 563 30.28 26.23 -3.78
N VAL A 564 30.83 25.78 -2.65
CA VAL A 564 30.15 24.78 -1.83
C VAL A 564 28.85 25.31 -1.20
N PRO A 565 28.91 26.44 -0.50
CA PRO A 565 27.67 26.97 0.11
C PRO A 565 26.61 27.33 -0.93
N GLU A 566 27.03 27.88 -2.07
CA GLU A 566 26.10 28.26 -3.13
C GLU A 566 25.35 27.03 -3.65
N VAL A 567 26.07 26.01 -4.10
CA VAL A 567 25.45 24.78 -4.58
C VAL A 567 24.51 24.17 -3.54
N MET A 568 24.97 24.10 -2.29
CA MET A 568 24.14 23.52 -1.22
C MET A 568 22.87 24.36 -1.01
N GLU A 569 23.02 25.68 -1.03
CA GLU A 569 21.87 26.57 -0.86
C GLU A 569 20.90 26.50 -2.04
N GLN A 570 21.43 26.26 -3.24
CA GLN A 570 20.60 26.28 -4.44
C GLN A 570 20.09 24.89 -4.83
N ALA A 571 20.46 23.87 -4.05
CA ALA A 571 20.09 22.50 -4.37
C ALA A 571 18.60 22.37 -4.70
N VAL A 572 17.76 22.93 -3.84
CA VAL A 572 16.34 23.06 -4.14
C VAL A 572 15.94 24.51 -3.93
N THR A 573 14.75 24.88 -4.39
CA THR A 573 14.23 26.21 -4.10
C THR A 573 12.99 26.07 -3.23
N LEU A 574 13.03 26.69 -2.06
CA LEU A 574 11.93 26.62 -1.10
C LEU A 574 11.27 27.98 -0.94
N ARG A 575 10.35 28.08 0.02
CA ARG A 575 9.63 29.30 0.32
C ARG A 575 10.40 30.10 1.36
N VAL A 576 11.46 29.49 1.88
CA VAL A 576 12.37 30.17 2.78
C VAL A 576 13.79 29.97 2.25
N PRO A 577 14.71 30.85 2.65
CA PRO A 577 16.10 30.69 2.21
C PRO A 577 16.70 29.42 2.79
N LEU A 578 17.73 28.90 2.14
CA LEU A 578 18.58 27.90 2.76
C LEU A 578 19.90 28.60 3.07
N LYS A 579 20.43 28.34 4.26
CA LYS A 579 21.66 28.98 4.71
C LYS A 579 22.68 27.95 5.16
N VAL A 580 23.91 28.11 4.68
CA VAL A 580 24.98 27.17 4.96
C VAL A 580 26.19 27.83 5.65
N ASP A 581 26.60 27.22 6.76
CA ASP A 581 27.80 27.65 7.48
C ASP A 581 28.97 26.79 7.03
N TYR A 582 30.18 27.34 7.01
CA TYR A 582 31.33 26.61 6.48
C TYR A 582 32.66 27.06 7.08
N HIS A 583 33.64 26.15 7.06
CA HIS A 583 34.97 26.40 7.63
C HIS A 583 35.97 25.44 7.02
N TYR A 584 37.26 25.73 7.20
CA TYR A 584 38.31 24.84 6.77
C TYR A 584 39.53 24.98 7.68
N GLY A 585 40.46 24.04 7.56
CA GLY A 585 41.61 24.01 8.44
C GLY A 585 42.47 22.80 8.18
N SER A 586 43.53 22.65 8.96
CA SER A 586 44.54 21.63 8.70
C SER A 586 44.07 20.26 9.15
N THR A 587 43.06 20.23 10.03
CA THR A 587 42.44 18.96 10.43
C THR A 587 40.93 19.13 10.50
N TRP A 588 40.21 18.03 10.64
CA TRP A 588 38.76 18.10 10.76
C TRP A 588 38.38 18.94 11.98
N TYR A 589 39.16 18.79 13.06
CA TYR A 589 38.94 19.57 14.26
C TYR A 589 38.99 21.06 13.96
N ASP A 590 39.98 21.47 13.17
CA ASP A 590 40.22 22.89 12.93
C ASP A 590 39.25 23.49 11.91
N ALA A 591 38.43 22.65 11.31
CA ALA A 591 37.43 23.12 10.36
C ALA A 591 36.18 23.60 11.09
N LYS A 592 36.35 24.57 11.99
CA LYS A 592 35.26 25.08 12.82
C LYS A 592 35.24 26.60 12.81
N LYS B 14 -10.96 9.11 -41.83
CA LYS B 14 -10.10 10.11 -41.21
C LYS B 14 -9.15 9.51 -40.18
N MET B 15 -9.00 8.19 -40.13
CA MET B 15 -7.98 7.54 -39.28
C MET B 15 -7.30 6.39 -40.00
N ALA B 16 -5.99 6.54 -40.18
CA ALA B 16 -5.20 5.58 -40.93
C ALA B 16 -5.04 4.29 -40.14
N PHE B 17 -5.10 3.18 -40.86
CA PHE B 17 -4.77 1.88 -40.29
C PHE B 17 -4.64 0.82 -41.38
N THR B 18 -4.03 -0.29 -41.01
CA THR B 18 -3.81 -1.42 -41.88
C THR B 18 -4.91 -2.45 -41.68
N LEU B 19 -5.57 -2.83 -42.77
CA LEU B 19 -6.57 -3.87 -42.73
C LEU B 19 -5.81 -5.13 -43.04
N ALA B 20 -5.35 -5.83 -42.01
CA ALA B 20 -4.32 -6.85 -42.18
C ALA B 20 -4.88 -8.21 -42.58
N ASP B 21 -4.20 -8.86 -43.52
CA ASP B 21 -4.59 -10.19 -43.97
C ASP B 21 -3.85 -11.28 -43.23
N ARG B 22 -2.79 -10.90 -42.52
CA ARG B 22 -2.08 -11.85 -41.67
C ARG B 22 -1.37 -11.11 -40.53
N VAL B 23 -1.01 -11.83 -39.49
CA VAL B 23 -0.29 -11.26 -38.35
C VAL B 23 1.18 -11.03 -38.67
N THR B 24 1.70 -9.85 -38.31
CA THR B 24 3.12 -9.53 -38.51
C THR B 24 3.79 -9.21 -37.18
N GLU B 25 5.12 -9.27 -37.16
CA GLU B 25 5.84 -9.09 -35.90
C GLU B 25 5.59 -7.72 -35.24
N GLU B 26 5.39 -6.66 -36.02
CA GLU B 26 5.23 -5.33 -35.41
C GLU B 26 3.86 -5.16 -34.73
N MET B 27 2.97 -6.12 -34.91
CA MET B 27 1.68 -6.13 -34.20
C MET B 27 1.82 -6.73 -32.81
N LEU B 28 2.96 -7.33 -32.52
CA LEU B 28 3.17 -8.08 -31.29
C LEU B 28 4.19 -7.37 -30.38
N ALA B 29 4.07 -6.06 -30.32
CA ALA B 29 4.90 -5.21 -29.46
C ALA B 29 4.64 -5.50 -27.98
N ASP B 30 5.53 -5.03 -27.11
CA ASP B 30 5.35 -5.33 -25.70
C ASP B 30 4.40 -4.37 -24.99
N LYS B 31 3.83 -3.41 -25.71
CA LYS B 31 2.73 -2.60 -25.19
C LYS B 31 1.78 -2.26 -26.33
N ALA B 32 0.49 -2.49 -26.14
CA ALA B 32 -0.50 -2.19 -27.17
C ALA B 32 -1.86 -1.90 -26.53
N ALA B 33 -2.71 -1.15 -27.22
CA ALA B 33 -4.14 -1.12 -26.91
C ALA B 33 -4.75 -2.23 -27.74
N LEU B 34 -5.59 -3.05 -27.12
CA LEU B 34 -6.16 -4.22 -27.78
C LEU B 34 -7.67 -4.19 -27.69
N VAL B 35 -8.37 -4.42 -28.80
CA VAL B 35 -9.81 -4.55 -28.82
C VAL B 35 -10.17 -5.89 -29.37
N VAL B 36 -10.93 -6.65 -28.56
CA VAL B 36 -11.40 -7.99 -28.96
C VAL B 36 -12.90 -7.92 -28.89
N GLU B 37 -13.52 -7.71 -30.04
CA GLU B 37 -14.88 -7.19 -30.06
C GLU B 37 -15.94 -8.26 -30.02
N VAL B 38 -16.78 -8.16 -29.00
CA VAL B 38 -17.90 -9.07 -28.79
C VAL B 38 -19.13 -8.19 -28.60
N VAL B 39 -20.04 -8.28 -29.58
CA VAL B 39 -21.21 -7.42 -29.67
C VAL B 39 -22.43 -7.87 -28.87
N GLU B 40 -22.62 -9.17 -28.73
CA GLU B 40 -23.76 -9.67 -27.97
C GLU B 40 -23.54 -9.24 -26.51
N GLU B 41 -24.60 -8.75 -25.85
CA GLU B 41 -24.46 -8.28 -24.48
C GLU B 41 -23.94 -9.36 -23.54
N ASN B 42 -24.50 -10.55 -23.66
CA ASN B 42 -24.01 -11.72 -22.92
C ASN B 42 -22.88 -12.33 -23.71
N TYR B 43 -21.65 -12.19 -23.21
CA TYR B 43 -20.48 -12.63 -23.97
C TYR B 43 -20.08 -14.10 -23.82
N HIS B 44 -20.89 -14.88 -23.10
CA HIS B 44 -20.59 -16.30 -22.93
C HIS B 44 -20.79 -17.04 -24.27
N ASP B 45 -19.70 -17.63 -24.75
CA ASP B 45 -19.71 -18.42 -25.99
C ASP B 45 -20.25 -17.57 -27.13
N ALA B 46 -19.88 -16.30 -27.18
CA ALA B 46 -20.40 -15.37 -28.17
C ALA B 46 -19.33 -15.14 -29.24
N PRO B 47 -19.76 -14.73 -30.44
CA PRO B 47 -18.79 -14.54 -31.52
C PRO B 47 -17.84 -13.41 -31.25
N ILE B 48 -16.56 -13.57 -31.60
CA ILE B 48 -15.66 -12.42 -31.66
C ILE B 48 -15.70 -11.90 -33.08
N VAL B 49 -16.07 -10.63 -33.27
CA VAL B 49 -16.39 -10.16 -34.65
C VAL B 49 -15.21 -9.44 -35.32
N GLY B 50 -14.20 -9.10 -34.54
CA GLY B 50 -13.11 -8.30 -35.05
C GLY B 50 -12.09 -7.99 -33.98
N ILE B 51 -10.88 -7.69 -34.39
CA ILE B 51 -9.81 -7.36 -33.44
C ILE B 51 -9.07 -6.13 -33.93
N ALA B 52 -8.70 -5.23 -33.02
CA ALA B 52 -7.84 -4.11 -33.41
C ALA B 52 -6.66 -4.02 -32.45
N VAL B 53 -5.52 -3.61 -32.96
CA VAL B 53 -4.29 -3.46 -32.15
C VAL B 53 -3.72 -2.07 -32.46
N VAL B 54 -3.39 -1.29 -31.45
CA VAL B 54 -2.76 0.00 -31.70
C VAL B 54 -1.50 0.03 -30.87
N ASN B 55 -0.37 0.32 -31.50
CA ASN B 55 0.87 0.34 -30.72
C ASN B 55 1.84 1.35 -31.32
N GLU B 56 3.07 1.37 -30.84
CA GLU B 56 4.07 2.32 -31.33
C GLU B 56 4.28 2.21 -32.84
N HIS B 57 4.02 1.04 -33.40
CA HIS B 57 4.30 0.80 -34.81
C HIS B 57 3.14 1.19 -35.74
N GLY B 58 1.93 1.35 -35.21
CA GLY B 58 0.80 1.71 -36.04
C GLY B 58 -0.54 1.20 -35.54
N ARG B 59 -1.53 1.17 -36.42
CA ARG B 59 -2.90 0.73 -36.08
C ARG B 59 -3.28 -0.41 -37.03
N PHE B 60 -3.86 -1.47 -36.49
CA PHE B 60 -4.06 -2.69 -37.27
C PHE B 60 -5.42 -3.27 -36.98
N PHE B 61 -6.11 -3.74 -38.02
CA PHE B 61 -7.37 -4.47 -37.84
C PHE B 61 -7.13 -5.88 -38.31
N LEU B 62 -7.58 -6.84 -37.50
CA LEU B 62 -7.41 -8.26 -37.82
C LEU B 62 -8.74 -9.01 -37.83
N ARG B 63 -8.95 -9.90 -38.79
CA ARG B 63 -10.15 -10.72 -38.76
C ARG B 63 -9.88 -11.86 -37.77
N PRO B 64 -10.88 -12.18 -36.92
CA PRO B 64 -10.64 -13.19 -35.88
C PRO B 64 -10.35 -14.60 -36.42
N GLU B 65 -10.98 -15.02 -37.51
CA GLU B 65 -10.70 -16.36 -38.04
C GLU B 65 -9.20 -16.50 -38.33
N THR B 66 -8.59 -15.42 -38.78
CA THR B 66 -7.16 -15.40 -39.07
C THR B 66 -6.31 -15.31 -37.80
N ALA B 67 -6.53 -14.23 -37.05
CA ALA B 67 -5.70 -13.89 -35.89
C ALA B 67 -5.74 -14.97 -34.80
N LEU B 68 -6.93 -15.50 -34.50
CA LEU B 68 -7.06 -16.39 -33.34
C LEU B 68 -6.59 -17.82 -33.66
N ALA B 69 -6.39 -18.11 -34.94
CA ALA B 69 -5.74 -19.37 -35.32
C ALA B 69 -4.25 -19.18 -35.68
N ASP B 70 -3.73 -17.97 -35.47
CA ASP B 70 -2.31 -17.70 -35.70
C ASP B 70 -1.53 -17.99 -34.45
N PRO B 71 -0.55 -18.89 -34.52
CA PRO B 71 0.12 -19.32 -33.29
C PRO B 71 0.94 -18.21 -32.60
N GLN B 72 1.51 -17.31 -33.38
CA GLN B 72 2.27 -16.22 -32.80
C GLN B 72 1.34 -15.22 -32.11
N PHE B 73 0.15 -14.99 -32.67
CA PHE B 73 -0.81 -14.05 -32.03
C PHE B 73 -1.38 -14.65 -30.75
N VAL B 74 -1.72 -15.93 -30.80
CA VAL B 74 -2.20 -16.60 -29.61
C VAL B 74 -1.15 -16.55 -28.49
N ALA B 75 0.12 -16.78 -28.83
CA ALA B 75 1.17 -16.71 -27.82
C ALA B 75 1.30 -15.32 -27.22
N TRP B 76 1.26 -14.30 -28.06
CA TRP B 76 1.33 -12.92 -27.59
C TRP B 76 0.16 -12.62 -26.62
N LEU B 77 -1.05 -13.02 -27.00
CA LEU B 77 -2.22 -12.84 -26.11
C LEU B 77 -1.94 -13.40 -24.71
N GLY B 78 -1.34 -14.58 -24.65
CA GLY B 78 -1.16 -15.27 -23.38
C GLY B 78 0.14 -14.90 -22.66
N ASP B 79 0.93 -14.00 -23.24
CA ASP B 79 2.21 -13.60 -22.63
C ASP B 79 2.02 -12.45 -21.66
N GLU B 80 2.14 -12.76 -20.37
N GLU B 80 2.13 -12.75 -20.37
CA GLU B 80 1.94 -11.79 -19.31
CA GLU B 80 1.89 -11.75 -19.34
C GLU B 80 2.85 -10.57 -19.48
C GLU B 80 2.85 -10.56 -19.47
N THR B 81 3.98 -10.75 -20.16
CA THR B 81 4.95 -9.67 -20.30
C THR B 81 4.67 -8.74 -21.50
N LYS B 82 3.66 -9.09 -22.29
CA LYS B 82 3.24 -8.25 -23.41
C LYS B 82 1.99 -7.55 -22.89
N LYS B 83 2.12 -6.28 -22.57
CA LYS B 83 1.08 -5.59 -21.82
C LYS B 83 -0.01 -5.06 -22.74
N LYS B 84 -1.26 -5.20 -22.32
CA LYS B 84 -2.37 -4.70 -23.12
C LYS B 84 -3.21 -3.71 -22.35
N SER B 85 -3.55 -2.58 -22.97
N SER B 85 -3.57 -2.60 -23.00
CA SER B 85 -4.55 -1.69 -22.40
CA SER B 85 -4.55 -1.68 -22.46
C SER B 85 -5.86 -1.98 -23.15
C SER B 85 -5.86 -1.98 -23.16
N MET B 86 -6.97 -2.00 -22.42
CA MET B 86 -8.24 -2.44 -22.99
C MET B 86 -9.42 -1.73 -22.35
N PHE B 87 -10.63 -2.02 -22.84
CA PHE B 87 -11.88 -1.56 -22.19
C PHE B 87 -12.76 -2.79 -22.00
N ASP B 88 -13.10 -3.11 -20.74
CA ASP B 88 -13.88 -4.31 -20.42
C ASP B 88 -13.09 -5.54 -20.82
N SER B 89 -11.92 -5.66 -20.17
CA SER B 89 -11.05 -6.79 -20.46
C SER B 89 -11.66 -8.10 -20.01
N LYS B 90 -12.58 -8.06 -19.03
CA LYS B 90 -13.22 -9.33 -18.61
C LYS B 90 -14.03 -9.91 -19.75
N ARG B 91 -14.75 -9.04 -20.45
CA ARG B 91 -15.58 -9.47 -21.58
C ARG B 91 -14.70 -10.15 -22.62
N ALA B 92 -13.55 -9.54 -22.94
CA ALA B 92 -12.61 -10.18 -23.90
C ALA B 92 -12.03 -11.49 -23.37
N ALA B 93 -11.63 -11.47 -22.10
CA ALA B 93 -11.00 -12.62 -21.50
C ALA B 93 -11.92 -13.82 -21.52
N VAL B 94 -13.17 -13.60 -21.15
CA VAL B 94 -14.13 -14.69 -21.13
C VAL B 94 -14.45 -15.16 -22.58
N ALA B 95 -14.72 -14.24 -23.50
CA ALA B 95 -15.00 -14.67 -24.87
C ALA B 95 -13.81 -15.46 -25.40
N LEU B 96 -12.58 -15.09 -25.03
CA LEU B 96 -11.42 -15.83 -25.54
C LEU B 96 -11.36 -17.21 -24.88
N LYS B 97 -11.72 -17.29 -23.59
CA LYS B 97 -11.76 -18.58 -22.90
C LYS B 97 -12.70 -19.51 -23.62
N TRP B 98 -13.82 -18.97 -24.13
CA TRP B 98 -14.79 -19.82 -24.84
C TRP B 98 -14.24 -20.28 -26.19
N LYS B 99 -13.25 -19.55 -26.69
CA LYS B 99 -12.59 -19.92 -27.95
C LYS B 99 -11.33 -20.72 -27.68
N GLY B 100 -11.08 -21.04 -26.41
CA GLY B 100 -9.95 -21.86 -25.99
C GLY B 100 -8.60 -21.15 -25.90
N ILE B 101 -8.64 -19.83 -25.70
CA ILE B 101 -7.46 -18.99 -25.71
C ILE B 101 -7.34 -18.18 -24.44
N GLU B 102 -6.14 -18.12 -23.87
N GLU B 102 -6.11 -18.10 -23.92
CA GLU B 102 -5.91 -17.37 -22.63
CA GLU B 102 -5.81 -17.39 -22.66
C GLU B 102 -5.32 -15.99 -22.90
C GLU B 102 -5.28 -15.97 -22.91
N LEU B 103 -5.92 -15.00 -22.25
CA LEU B 103 -5.46 -13.60 -22.30
C LEU B 103 -4.77 -13.26 -21.00
N CYS B 104 -3.53 -12.79 -21.12
CA CYS B 104 -2.72 -12.36 -19.98
C CYS B 104 -2.14 -10.96 -20.27
N GLY B 105 -1.61 -10.34 -19.22
CA GLY B 105 -0.92 -9.06 -19.37
C GLY B 105 -1.76 -7.80 -19.54
N VAL B 106 -3.03 -7.84 -19.13
CA VAL B 106 -3.85 -6.64 -19.19
C VAL B 106 -3.37 -5.70 -18.09
N SER B 107 -2.88 -4.53 -18.49
CA SER B 107 -2.25 -3.62 -17.52
C SER B 107 -3.09 -2.36 -17.27
N PHE B 108 -4.12 -2.14 -18.09
CA PHE B 108 -5.01 -1.01 -17.89
C PHE B 108 -6.38 -1.35 -18.49
N ASP B 109 -7.44 -1.09 -17.73
CA ASP B 109 -8.82 -1.31 -18.17
C ASP B 109 -9.60 -0.03 -18.04
N LEU B 110 -9.89 0.59 -19.19
CA LEU B 110 -10.49 1.89 -19.23
C LEU B 110 -11.89 1.92 -18.62
N LEU B 111 -12.61 0.79 -18.71
CA LEU B 111 -13.96 0.70 -18.11
C LEU B 111 -13.83 0.82 -16.60
N LEU B 112 -12.90 0.06 -16.01
CA LEU B 112 -12.71 0.10 -14.55
C LEU B 112 -12.16 1.43 -14.09
N ALA B 113 -11.29 2.02 -14.89
CA ALA B 113 -10.77 3.35 -14.58
C ALA B 113 -11.85 4.41 -14.54
N ALA B 114 -12.73 4.43 -15.54
CA ALA B 114 -13.83 5.40 -15.57
C ALA B 114 -14.78 5.16 -14.40
N TYR B 115 -15.07 3.89 -14.12
CA TYR B 115 -15.96 3.52 -13.01
C TYR B 115 -15.46 4.07 -11.67
N LEU B 116 -14.16 3.94 -11.43
CA LEU B 116 -13.59 4.39 -10.17
C LEU B 116 -13.63 5.92 -10.12
N LEU B 117 -13.34 6.57 -11.25
CA LEU B 117 -13.36 8.05 -11.23
C LEU B 117 -14.74 8.62 -10.93
N ASP B 118 -15.78 7.98 -11.47
CA ASP B 118 -17.13 8.49 -11.31
C ASP B 118 -18.16 7.46 -11.72
N PRO B 119 -18.59 6.65 -10.76
CA PRO B 119 -19.53 5.60 -11.13
C PRO B 119 -20.87 6.10 -11.67
N ALA B 120 -21.23 7.38 -11.46
CA ALA B 120 -22.54 7.91 -11.86
C ALA B 120 -22.58 8.22 -13.34
N GLN B 121 -21.44 8.20 -14.00
CA GLN B 121 -21.46 8.43 -15.44
C GLN B 121 -22.13 7.25 -16.15
N GLY B 122 -22.14 6.07 -15.53
CA GLY B 122 -22.76 4.91 -16.13
C GLY B 122 -22.03 4.49 -17.40
N VAL B 123 -20.73 4.79 -17.45
CA VAL B 123 -19.93 4.49 -18.63
C VAL B 123 -20.09 3.04 -19.01
N ASP B 124 -20.56 2.80 -20.22
CA ASP B 124 -20.53 1.43 -20.72
C ASP B 124 -20.12 1.34 -22.17
N ASP B 125 -19.47 2.39 -22.68
CA ASP B 125 -18.66 2.17 -23.88
C ASP B 125 -17.46 3.11 -23.93
N VAL B 126 -16.54 2.82 -24.82
CA VAL B 126 -15.33 3.61 -24.92
C VAL B 126 -15.66 5.07 -25.17
N ALA B 127 -16.62 5.35 -26.05
CA ALA B 127 -16.94 6.77 -26.32
C ALA B 127 -17.34 7.55 -25.06
N ALA B 128 -18.13 6.93 -24.18
CA ALA B 128 -18.58 7.60 -22.97
C ALA B 128 -17.38 7.86 -22.05
N ALA B 129 -16.45 6.91 -21.96
CA ALA B 129 -15.27 7.14 -21.14
C ALA B 129 -14.44 8.27 -21.75
N ALA B 130 -14.23 8.18 -23.05
CA ALA B 130 -13.43 9.20 -23.76
C ALA B 130 -13.94 10.62 -23.56
N LYS B 131 -15.26 10.78 -23.53
CA LYS B 131 -15.85 12.11 -23.35
C LYS B 131 -15.44 12.72 -22.01
N MET B 132 -15.10 11.88 -21.04
CA MET B 132 -14.70 12.41 -19.72
C MET B 132 -13.42 13.25 -19.80
N LYS B 133 -12.60 12.97 -20.82
CA LYS B 133 -11.38 13.73 -21.05
C LYS B 133 -11.38 14.46 -22.41
N GLN B 134 -12.56 14.88 -22.84
CA GLN B 134 -12.70 15.73 -24.01
C GLN B 134 -12.12 15.06 -25.27
N TYR B 135 -12.18 13.72 -25.34
CA TYR B 135 -11.77 12.96 -26.53
C TYR B 135 -13.03 12.46 -27.23
N GLU B 136 -13.23 12.85 -28.49
CA GLU B 136 -14.48 12.54 -29.20
C GLU B 136 -14.30 11.93 -30.59
N ALA B 137 -13.08 11.46 -30.87
CA ALA B 137 -12.74 10.85 -32.16
C ALA B 137 -13.04 9.33 -32.15
N VAL B 138 -14.22 9.01 -31.63
CA VAL B 138 -14.70 7.62 -31.60
C VAL B 138 -16.21 7.66 -31.49
N ARG B 139 -16.91 6.71 -32.10
CA ARG B 139 -18.36 6.71 -32.04
C ARG B 139 -18.86 5.84 -30.87
N PRO B 140 -20.08 6.13 -30.37
CA PRO B 140 -20.69 5.20 -29.42
C PRO B 140 -21.02 3.87 -30.05
N ASP B 141 -20.95 2.81 -29.26
CA ASP B 141 -21.21 1.49 -29.81
C ASP B 141 -22.61 1.44 -30.43
N GLU B 142 -23.57 2.07 -29.78
CA GLU B 142 -24.96 1.95 -30.20
C GLU B 142 -25.15 2.62 -31.55
N ALA B 143 -24.31 3.62 -31.86
CA ALA B 143 -24.41 4.33 -33.14
C ALA B 143 -23.95 3.45 -34.28
N VAL B 144 -22.98 2.59 -33.97
CA VAL B 144 -22.40 1.69 -34.96
C VAL B 144 -23.22 0.44 -35.16
N TYR B 145 -23.65 -0.19 -34.06
CA TYR B 145 -24.33 -1.49 -34.15
C TYR B 145 -25.86 -1.39 -34.25
N GLY B 146 -26.42 -0.27 -33.83
CA GLY B 146 -27.86 -0.09 -33.84
C GLY B 146 -28.46 -0.72 -32.60
N LYS B 147 -29.78 -0.68 -32.48
CA LYS B 147 -30.41 -1.22 -31.28
C LYS B 147 -31.56 -2.16 -31.56
N GLY B 148 -31.86 -2.98 -30.56
CA GLY B 148 -32.94 -3.93 -30.63
C GLY B 148 -32.88 -4.86 -31.83
N ALA B 149 -34.01 -5.01 -32.51
CA ALA B 149 -34.09 -5.90 -33.66
C ALA B 149 -33.22 -5.41 -34.83
N LYS B 150 -32.78 -4.15 -34.78
CA LYS B 150 -31.96 -3.61 -35.85
C LYS B 150 -30.48 -3.81 -35.58
N ARG B 151 -30.15 -4.37 -34.42
CA ARG B 151 -28.74 -4.53 -34.04
C ARG B 151 -28.01 -5.42 -35.03
N ALA B 152 -26.82 -5.01 -35.47
CA ALA B 152 -26.10 -5.77 -36.48
C ALA B 152 -24.65 -5.32 -36.59
N VAL B 153 -23.79 -6.26 -36.97
CA VAL B 153 -22.42 -5.94 -37.33
C VAL B 153 -22.38 -5.29 -38.72
N PRO B 154 -21.71 -4.14 -38.84
CA PRO B 154 -21.70 -3.44 -40.13
C PRO B 154 -20.67 -3.98 -41.11
N ASP B 155 -20.68 -3.40 -42.31
CA ASP B 155 -19.78 -3.81 -43.37
C ASP B 155 -18.37 -3.69 -42.80
N GLU B 156 -17.46 -4.54 -43.25
CA GLU B 156 -16.14 -4.66 -42.64
C GLU B 156 -15.37 -3.34 -42.53
N PRO B 157 -15.40 -2.49 -43.56
CA PRO B 157 -14.71 -1.21 -43.48
C PRO B 157 -15.19 -0.37 -42.29
N VAL B 158 -16.48 -0.40 -42.04
CA VAL B 158 -17.07 0.41 -40.99
C VAL B 158 -16.75 -0.19 -39.62
N LEU B 159 -16.93 -1.50 -39.50
CA LEU B 159 -16.47 -2.23 -38.32
C LEU B 159 -15.00 -1.98 -38.00
N ALA B 160 -14.12 -2.11 -39.00
CA ALA B 160 -12.68 -2.01 -38.77
C ALA B 160 -12.30 -0.62 -38.25
N GLU B 161 -12.87 0.43 -38.84
CA GLU B 161 -12.58 1.81 -38.40
C GLU B 161 -13.07 2.00 -36.95
N HIS B 162 -14.25 1.50 -36.63
CA HIS B 162 -14.77 1.61 -35.25
C HIS B 162 -13.79 0.96 -34.27
N LEU B 163 -13.38 -0.27 -34.53
CA LEU B 163 -12.52 -0.98 -33.56
C LEU B 163 -11.17 -0.28 -33.45
N VAL B 164 -10.64 0.19 -34.58
CA VAL B 164 -9.37 0.92 -34.56
C VAL B 164 -9.52 2.26 -33.79
N ARG B 165 -10.64 2.99 -33.98
CA ARG B 165 -10.85 4.22 -33.22
C ARG B 165 -11.01 3.94 -31.74
N LYS B 166 -11.58 2.77 -31.38
CA LYS B 166 -11.69 2.42 -29.96
C LYS B 166 -10.32 2.14 -29.39
N ALA B 167 -9.46 1.41 -30.12
CA ALA B 167 -8.10 1.08 -29.65
C ALA B 167 -7.30 2.37 -29.56
N ALA B 168 -7.48 3.27 -30.52
CA ALA B 168 -6.71 4.50 -30.51
C ALA B 168 -7.10 5.33 -29.32
N ALA B 169 -8.40 5.33 -29.00
CA ALA B 169 -8.88 6.11 -27.84
C ALA B 169 -8.25 5.56 -26.55
N ILE B 170 -8.27 4.24 -26.39
CA ILE B 170 -7.67 3.62 -25.22
C ILE B 170 -6.18 3.97 -25.10
N TRP B 171 -5.49 3.89 -26.24
CA TRP B 171 -4.08 4.22 -26.31
C TRP B 171 -3.79 5.61 -25.76
N GLU B 172 -4.60 6.58 -26.18
CA GLU B 172 -4.45 7.99 -25.77
C GLU B 172 -4.92 8.28 -24.37
N LEU B 173 -5.90 7.52 -23.89
CA LEU B 173 -6.60 7.91 -22.67
C LEU B 173 -5.97 7.33 -21.40
N GLU B 174 -5.11 6.33 -21.55
CA GLU B 174 -4.56 5.67 -20.37
C GLU B 174 -3.84 6.70 -19.47
N ARG B 175 -3.03 7.56 -20.06
CA ARG B 175 -2.29 8.52 -19.22
C ARG B 175 -3.20 9.51 -18.46
N PRO B 176 -4.12 10.19 -19.15
CA PRO B 176 -4.94 11.14 -18.41
C PRO B 176 -5.82 10.47 -17.36
N PHE B 177 -6.24 9.24 -17.63
CA PHE B 177 -7.04 8.53 -16.62
C PHE B 177 -6.19 8.17 -15.41
N LEU B 178 -4.98 7.69 -15.64
CA LEU B 178 -4.09 7.32 -14.54
C LEU B 178 -3.70 8.56 -13.77
N ASP B 179 -3.53 9.69 -14.47
CA ASP B 179 -3.18 10.91 -13.75
C ASP B 179 -4.29 11.25 -12.78
N GLU B 180 -5.56 11.16 -13.20
CA GLU B 180 -6.63 11.56 -12.29
C GLU B 180 -6.80 10.53 -11.16
N LEU B 181 -6.66 9.26 -11.50
CA LEU B 181 -6.72 8.21 -10.48
C LEU B 181 -5.66 8.48 -9.42
N ARG B 182 -4.45 8.83 -9.84
CA ARG B 182 -3.39 9.14 -8.87
C ARG B 182 -3.79 10.30 -7.96
N ARG B 183 -4.30 11.39 -8.53
CA ARG B 183 -4.76 12.54 -7.73
C ARG B 183 -5.83 12.14 -6.70
N ASN B 184 -6.70 11.19 -7.05
CA ASN B 184 -7.79 10.78 -6.18
C ASN B 184 -7.37 9.69 -5.17
N GLU B 185 -6.10 9.32 -5.20
CA GLU B 185 -5.60 8.20 -4.40
C GLU B 185 -6.29 6.90 -4.79
N GLN B 186 -6.54 6.74 -6.09
CA GLN B 186 -7.23 5.56 -6.61
C GLN B 186 -6.39 4.74 -7.57
N ASP B 187 -5.10 5.07 -7.77
CA ASP B 187 -4.35 4.29 -8.74
C ASP B 187 -4.10 2.86 -8.26
N ARG B 188 -3.81 2.66 -6.98
CA ARG B 188 -3.68 1.32 -6.48
C ARG B 188 -5.01 0.60 -6.46
N LEU B 189 -6.10 1.32 -6.20
CA LEU B 189 -7.41 0.69 -6.22
C LEU B 189 -7.70 0.08 -7.62
N LEU B 190 -7.27 0.77 -8.66
CA LEU B 190 -7.42 0.21 -10.02
C LEU B 190 -6.47 -0.96 -10.21
N VAL B 191 -5.17 -0.75 -9.98
CA VAL B 191 -4.17 -1.71 -10.43
C VAL B 191 -3.98 -2.91 -9.51
N GLU B 192 -4.20 -2.73 -8.20
CA GLU B 192 -4.01 -3.80 -7.24
C GLU B 192 -5.31 -4.41 -6.72
N LEU B 193 -6.46 -3.76 -6.93
CA LEU B 193 -7.73 -4.39 -6.56
C LEU B 193 -8.65 -4.69 -7.78
N GLU B 194 -9.13 -3.67 -8.48
CA GLU B 194 -10.16 -3.96 -9.50
C GLU B 194 -9.59 -4.77 -10.68
N GLN B 195 -8.40 -4.46 -11.15
CA GLN B 195 -7.89 -5.20 -12.31
C GLN B 195 -7.62 -6.68 -11.98
N PRO B 196 -6.93 -6.95 -10.86
CA PRO B 196 -6.78 -8.36 -10.50
C PRO B 196 -8.12 -9.04 -10.29
N LEU B 197 -9.06 -8.32 -9.69
CA LEU B 197 -10.36 -8.94 -9.43
C LEU B 197 -11.05 -9.31 -10.77
N SER B 198 -10.88 -8.46 -11.78
N SER B 198 -10.88 -8.48 -11.78
CA SER B 198 -11.50 -8.73 -13.08
CA SER B 198 -11.54 -8.77 -13.06
C SER B 198 -11.09 -10.12 -13.61
C SER B 198 -11.10 -10.14 -13.61
N SER B 199 -9.82 -10.48 -13.47
CA SER B 199 -9.35 -11.77 -13.92
C SER B 199 -9.96 -12.90 -13.10
N ILE B 200 -10.12 -12.67 -11.81
CA ILE B 200 -10.72 -13.70 -10.96
C ILE B 200 -12.18 -13.90 -11.36
N LEU B 201 -12.91 -12.81 -11.50
CA LEU B 201 -14.31 -12.91 -11.94
C LEU B 201 -14.43 -13.62 -13.31
N ALA B 202 -13.49 -13.39 -14.22
CA ALA B 202 -13.50 -14.07 -15.55
C ALA B 202 -13.39 -15.58 -15.35
N GLU B 203 -12.50 -16.01 -14.47
CA GLU B 203 -12.40 -17.43 -14.14
C GLU B 203 -13.72 -17.99 -13.55
N MET B 204 -14.32 -17.25 -12.61
CA MET B 204 -15.55 -17.74 -11.95
C MET B 204 -16.68 -17.85 -12.96
N GLU B 205 -16.84 -16.81 -13.78
CA GLU B 205 -17.91 -16.84 -14.79
C GLU B 205 -17.71 -18.03 -15.78
N PHE B 206 -16.47 -18.25 -16.21
CA PHE B 206 -16.24 -19.28 -17.23
C PHE B 206 -16.43 -20.68 -16.64
N ALA B 207 -15.99 -20.88 -15.39
CA ALA B 207 -16.22 -22.15 -14.70
C ALA B 207 -17.69 -22.47 -14.62
N GLY B 208 -18.50 -21.47 -14.28
CA GLY B 208 -19.94 -21.66 -14.13
C GLY B 208 -20.29 -22.52 -12.91
N VAL B 209 -21.58 -22.66 -12.66
CA VAL B 209 -22.08 -23.56 -11.59
C VAL B 209 -22.97 -24.64 -12.18
N LYS B 210 -22.72 -25.89 -11.75
CA LYS B 210 -23.51 -27.02 -12.19
C LYS B 210 -24.89 -27.10 -11.54
N VAL B 211 -25.87 -27.45 -12.38
CA VAL B 211 -27.27 -27.50 -11.98
C VAL B 211 -27.81 -28.93 -12.16
N ASP B 212 -28.50 -29.41 -11.13
CA ASP B 212 -29.19 -30.71 -11.19
C ASP B 212 -30.56 -30.48 -11.80
N THR B 213 -30.64 -30.64 -13.12
CA THR B 213 -31.86 -30.27 -13.84
C THR B 213 -32.96 -31.26 -13.54
N LYS B 214 -32.63 -32.52 -13.34
CA LYS B 214 -33.67 -33.50 -13.02
C LYS B 214 -34.40 -33.04 -11.75
N ARG B 215 -33.63 -32.64 -10.75
CA ARG B 215 -34.23 -32.26 -9.48
C ARG B 215 -35.01 -30.98 -9.64
N LEU B 216 -34.43 -30.02 -10.34
CA LEU B 216 -35.11 -28.77 -10.55
C LEU B 216 -36.44 -28.98 -11.28
N GLU B 217 -36.44 -29.83 -12.32
CA GLU B 217 -37.64 -30.02 -13.12
C GLU B 217 -38.70 -30.71 -12.25
N GLN B 218 -38.25 -31.59 -11.37
CA GLN B 218 -39.21 -32.28 -10.51
C GLN B 218 -39.79 -31.27 -9.54
N MET B 219 -38.94 -30.42 -8.97
CA MET B 219 -39.39 -29.37 -8.06
C MET B 219 -40.42 -28.50 -8.76
N GLY B 220 -40.22 -28.27 -10.06
CA GLY B 220 -41.11 -27.47 -10.87
C GLY B 220 -42.48 -28.10 -11.03
N LYS B 221 -42.52 -29.41 -11.22
CA LYS B 221 -43.79 -30.11 -11.43
C LYS B 221 -44.61 -30.06 -10.15
N GLU B 222 -43.96 -30.26 -9.02
CA GLU B 222 -44.65 -30.22 -7.73
C GLU B 222 -45.14 -28.82 -7.39
N LEU B 223 -44.25 -27.84 -7.51
CA LEU B 223 -44.63 -26.45 -7.39
C LEU B 223 -45.86 -26.08 -8.23
N ALA B 224 -45.96 -26.58 -9.46
CA ALA B 224 -47.09 -26.24 -10.33
C ALA B 224 -48.39 -26.73 -9.71
N GLU B 225 -48.32 -27.87 -9.04
CA GLU B 225 -49.49 -28.45 -8.39
C GLU B 225 -49.88 -27.65 -7.17
N GLN B 226 -48.91 -27.36 -6.31
CA GLN B 226 -49.18 -26.53 -5.13
C GLN B 226 -49.74 -25.16 -5.51
N LEU B 227 -49.22 -24.58 -6.58
CA LEU B 227 -49.71 -23.29 -7.06
C LEU B 227 -51.19 -23.39 -7.39
N GLY B 228 -51.56 -24.48 -8.04
CA GLY B 228 -52.92 -24.67 -8.52
C GLY B 228 -53.90 -24.71 -7.36
N THR B 229 -53.48 -25.39 -6.30
CA THR B 229 -54.28 -25.55 -5.10
C THR B 229 -54.44 -24.22 -4.39
N VAL B 230 -53.34 -23.49 -4.26
CA VAL B 230 -53.36 -22.21 -3.56
C VAL B 230 -54.24 -21.23 -4.33
N GLU B 231 -54.14 -21.32 -5.65
CA GLU B 231 -54.87 -20.45 -6.57
C GLU B 231 -56.39 -20.64 -6.45
N GLN B 232 -56.82 -21.90 -6.42
CA GLN B 232 -58.26 -22.18 -6.33
C GLN B 232 -58.82 -21.76 -4.97
N ARG B 233 -57.99 -21.83 -3.93
CA ARG B 233 -58.41 -21.40 -2.60
C ARG B 233 -58.59 -19.88 -2.56
N ILE B 234 -57.77 -19.14 -3.29
CA ILE B 234 -57.89 -17.70 -3.37
C ILE B 234 -59.20 -17.32 -4.08
N TYR B 235 -59.54 -18.03 -5.15
CA TYR B 235 -60.74 -17.70 -5.92
C TYR B 235 -61.98 -17.96 -5.05
N GLU B 236 -61.91 -19.04 -4.28
CA GLU B 236 -63.00 -19.40 -3.37
C GLU B 236 -63.20 -18.31 -2.31
N LEU B 237 -62.09 -17.86 -1.72
CA LEU B 237 -62.15 -16.80 -0.72
C LEU B 237 -62.63 -15.47 -1.31
N ALA B 238 -62.27 -15.21 -2.56
CA ALA B 238 -62.64 -13.96 -3.24
C ALA B 238 -64.04 -14.00 -3.81
N GLY B 239 -64.53 -15.22 -4.04
CA GLY B 239 -65.83 -15.42 -4.66
C GLY B 239 -65.79 -15.19 -6.16
N GLN B 240 -64.58 -15.21 -6.71
CA GLN B 240 -64.39 -14.79 -8.08
C GLN B 240 -63.02 -15.21 -8.57
N GLU B 241 -62.93 -15.65 -9.82
CA GLU B 241 -61.63 -15.85 -10.42
C GLU B 241 -61.09 -14.51 -10.93
N PHE B 242 -59.79 -14.31 -10.79
CA PHE B 242 -59.12 -13.12 -11.32
C PHE B 242 -57.63 -13.44 -11.44
N ASN B 243 -56.87 -12.54 -12.08
CA ASN B 243 -55.42 -12.70 -12.23
C ASN B 243 -54.72 -12.16 -11.00
N ILE B 244 -54.32 -13.08 -10.13
CA ILE B 244 -53.76 -12.73 -8.84
C ILE B 244 -52.43 -12.03 -9.03
N ASN B 245 -51.81 -12.27 -10.19
CA ASN B 245 -50.53 -11.63 -10.50
C ASN B 245 -50.65 -10.28 -11.17
N SER B 246 -51.85 -9.70 -11.15
CA SER B 246 -52.07 -8.36 -11.66
C SER B 246 -52.43 -7.48 -10.48
N PRO B 247 -51.51 -6.60 -10.04
CA PRO B 247 -51.86 -5.73 -8.92
C PRO B 247 -53.15 -4.94 -9.19
N LYS B 248 -53.40 -4.59 -10.45
CA LYS B 248 -54.59 -3.83 -10.82
C LYS B 248 -55.85 -4.63 -10.52
N GLN B 249 -55.92 -5.86 -11.05
CA GLN B 249 -57.08 -6.69 -10.79
C GLN B 249 -57.21 -7.06 -9.31
N LEU B 250 -56.08 -7.21 -8.64
CA LEU B 250 -56.07 -7.63 -7.24
C LEU B 250 -56.57 -6.49 -6.39
N GLY B 251 -56.21 -5.27 -6.75
CA GLY B 251 -56.61 -4.10 -5.97
C GLY B 251 -58.12 -3.96 -6.02
N VAL B 252 -58.69 -4.23 -7.18
CA VAL B 252 -60.15 -4.13 -7.33
C VAL B 252 -60.85 -5.14 -6.44
N ILE B 253 -60.35 -6.37 -6.43
CA ILE B 253 -60.84 -7.40 -5.53
C ILE B 253 -60.74 -7.01 -4.05
N LEU B 254 -59.54 -6.64 -3.59
CA LEU B 254 -59.38 -6.33 -2.19
C LEU B 254 -60.12 -5.07 -1.74
N PHE B 255 -60.09 -4.01 -2.54
CA PHE B 255 -60.50 -2.69 -2.02
C PHE B 255 -61.80 -2.19 -2.58
N GLU B 256 -62.33 -2.88 -3.58
CA GLU B 256 -63.70 -2.59 -4.06
C GLU B 256 -64.63 -3.74 -3.76
N LYS B 257 -64.35 -4.92 -4.31
CA LYS B 257 -65.21 -6.06 -3.98
C LYS B 257 -65.27 -6.38 -2.48
N LEU B 258 -64.11 -6.57 -1.85
CA LEU B 258 -64.08 -7.02 -0.45
C LEU B 258 -64.08 -5.86 0.52
N GLN B 259 -63.90 -4.65 0.01
CA GLN B 259 -64.01 -3.43 0.82
C GLN B 259 -63.04 -3.36 1.99
N LEU B 260 -61.81 -3.85 1.79
CA LEU B 260 -60.81 -3.77 2.84
C LEU B 260 -60.26 -2.35 2.84
N PRO B 261 -59.75 -1.89 3.99
CA PRO B 261 -59.22 -0.54 4.07
C PRO B 261 -58.08 -0.30 3.10
N VAL B 262 -58.02 0.90 2.54
CA VAL B 262 -56.94 1.28 1.65
C VAL B 262 -55.86 1.96 2.49
N LEU B 263 -54.71 1.30 2.65
CA LEU B 263 -53.66 1.82 3.53
C LEU B 263 -52.64 2.66 2.76
N LYS B 264 -52.57 2.45 1.45
CA LYS B 264 -51.53 3.09 0.65
C LYS B 264 -51.93 3.09 -0.83
N LYS B 265 -51.64 4.20 -1.52
CA LYS B 265 -51.80 4.27 -2.97
C LYS B 265 -50.46 4.59 -3.63
N THR B 266 -50.29 4.15 -4.86
CA THR B 266 -49.17 4.65 -5.65
C THR B 266 -49.76 5.42 -6.81
N LYS B 267 -48.94 5.89 -7.72
CA LYS B 267 -49.46 6.72 -8.80
C LYS B 267 -50.41 5.96 -9.71
N THR B 268 -50.31 4.63 -9.74
CA THR B 268 -51.18 3.86 -10.64
C THR B 268 -52.48 3.38 -10.00
N GLY B 269 -52.57 3.42 -8.67
CA GLY B 269 -53.77 2.92 -8.00
C GLY B 269 -53.49 2.36 -6.61
N TYR B 270 -54.37 1.48 -6.14
CA TYR B 270 -54.21 0.93 -4.78
C TYR B 270 -52.92 0.13 -4.68
N SER B 271 -52.18 0.32 -3.59
CA SER B 271 -51.03 -0.55 -3.35
C SER B 271 -51.48 -1.93 -2.93
N THR B 272 -50.84 -2.97 -3.49
CA THR B 272 -51.03 -4.30 -2.96
C THR B 272 -49.67 -4.89 -2.55
N SER B 273 -48.79 -4.03 -2.06
CA SER B 273 -47.45 -4.47 -1.65
C SER B 273 -47.50 -5.50 -0.55
N ALA B 274 -46.43 -6.27 -0.37
CA ALA B 274 -46.43 -7.29 0.68
C ALA B 274 -46.63 -6.64 2.04
N ASP B 275 -46.02 -5.48 2.25
CA ASP B 275 -46.16 -4.80 3.53
C ASP B 275 -47.62 -4.45 3.83
N VAL B 276 -48.34 -3.96 2.80
CA VAL B 276 -49.75 -3.59 2.96
C VAL B 276 -50.59 -4.83 3.22
N LEU B 277 -50.36 -5.87 2.44
CA LEU B 277 -51.18 -7.07 2.63
C LEU B 277 -50.95 -7.67 4.01
N GLU B 278 -49.73 -7.60 4.51
CA GLU B 278 -49.46 -8.16 5.82
C GLU B 278 -50.31 -7.44 6.85
N LYS B 279 -50.47 -6.13 6.68
CA LYS B 279 -51.23 -5.37 7.69
C LYS B 279 -52.74 -5.58 7.57
N LEU B 280 -53.19 -6.24 6.50
CA LEU B 280 -54.63 -6.43 6.26
C LEU B 280 -55.11 -7.76 6.80
N ALA B 281 -54.19 -8.54 7.37
CA ALA B 281 -54.52 -9.88 7.80
C ALA B 281 -55.62 -9.95 8.88
N PRO B 282 -55.75 -8.91 9.74
CA PRO B 282 -56.87 -8.97 10.70
C PRO B 282 -58.23 -8.82 10.03
N TYR B 283 -58.26 -8.39 8.77
CA TYR B 283 -59.53 -8.12 8.07
C TYR B 283 -60.03 -9.29 7.22
N HIS B 284 -59.11 -10.09 6.70
CA HIS B 284 -59.51 -11.17 5.78
C HIS B 284 -58.35 -12.14 5.57
N GLU B 285 -58.62 -13.43 5.63
CA GLU B 285 -57.54 -14.39 5.50
C GLU B 285 -57.05 -14.53 4.06
N ILE B 286 -57.76 -13.95 3.12
CA ILE B 286 -57.34 -14.04 1.72
C ILE B 286 -55.95 -13.42 1.51
N VAL B 287 -55.60 -12.39 2.28
CA VAL B 287 -54.36 -11.66 1.97
C VAL B 287 -53.13 -12.51 2.25
N GLU B 288 -53.18 -13.35 3.27
CA GLU B 288 -52.05 -14.26 3.55
C GLU B 288 -51.91 -15.30 2.44
N ASN B 289 -53.04 -15.78 1.92
CA ASN B 289 -53.02 -16.74 0.82
C ASN B 289 -52.38 -16.17 -0.43
N ILE B 290 -52.71 -14.91 -0.71
CA ILE B 290 -52.20 -14.20 -1.86
C ILE B 290 -50.68 -13.98 -1.74
N LEU B 291 -50.24 -13.58 -0.56
CA LEU B 291 -48.80 -13.46 -0.35
C LEU B 291 -48.11 -14.78 -0.70
N HIS B 292 -48.64 -15.89 -0.20
CA HIS B 292 -48.07 -17.20 -0.46
C HIS B 292 -48.06 -17.52 -1.96
N TYR B 293 -49.18 -17.23 -2.63
CA TYR B 293 -49.25 -17.47 -4.07
C TYR B 293 -48.22 -16.66 -4.85
N ARG B 294 -48.02 -15.41 -4.47
CA ARG B 294 -47.08 -14.56 -5.20
C ARG B 294 -45.63 -14.98 -4.95
N GLN B 295 -45.39 -15.55 -3.78
CA GLN B 295 -44.08 -16.17 -3.47
C GLN B 295 -43.85 -17.41 -4.34
N LEU B 296 -44.78 -18.35 -4.32
CA LEU B 296 -44.61 -19.57 -5.12
C LEU B 296 -44.52 -19.26 -6.60
N GLY B 297 -45.29 -18.28 -7.05
CA GLY B 297 -45.31 -17.93 -8.47
C GLY B 297 -43.96 -17.44 -8.94
N LYS B 298 -43.29 -16.67 -8.09
CA LYS B 298 -41.95 -16.18 -8.47
C LYS B 298 -40.93 -17.30 -8.43
N LEU B 299 -41.07 -18.23 -7.50
CA LEU B 299 -40.18 -19.40 -7.52
C LEU B 299 -40.32 -20.14 -8.86
N GLN B 300 -41.55 -20.37 -9.29
CA GLN B 300 -41.76 -21.05 -10.56
C GLN B 300 -41.21 -20.30 -11.77
N SER B 301 -41.57 -19.02 -11.90
CA SER B 301 -41.23 -18.24 -13.08
C SER B 301 -39.73 -17.97 -13.20
N THR B 302 -39.08 -17.83 -12.06
CA THR B 302 -37.71 -17.31 -12.07
C THR B 302 -36.66 -18.32 -11.71
N TYR B 303 -36.90 -19.07 -10.63
CA TYR B 303 -35.87 -19.99 -10.13
C TYR B 303 -36.05 -21.42 -10.64
N ILE B 304 -37.18 -21.68 -11.29
CA ILE B 304 -37.35 -22.96 -12.01
C ILE B 304 -37.32 -22.69 -13.49
N GLU B 305 -38.37 -22.08 -14.03
CA GLU B 305 -38.44 -21.86 -15.48
C GLU B 305 -37.29 -21.00 -15.97
N GLY B 306 -37.05 -19.87 -15.32
CA GLY B 306 -36.05 -18.92 -15.79
C GLY B 306 -34.64 -19.49 -15.74
N LEU B 307 -34.36 -20.24 -14.68
CA LEU B 307 -33.07 -20.85 -14.50
C LEU B 307 -32.87 -21.91 -15.57
N LEU B 308 -33.86 -22.79 -15.76
CA LEU B 308 -33.70 -23.84 -16.80
C LEU B 308 -33.44 -23.23 -18.17
N LYS B 309 -34.02 -22.06 -18.44
CA LYS B 309 -33.81 -21.40 -19.73
C LYS B 309 -32.32 -21.16 -20.00
N VAL B 310 -31.53 -20.91 -18.97
CA VAL B 310 -30.16 -20.48 -19.20
C VAL B 310 -29.12 -21.52 -18.85
N VAL B 311 -29.56 -22.71 -18.49
CA VAL B 311 -28.64 -23.82 -18.29
C VAL B 311 -28.11 -24.25 -19.66
N ARG B 312 -26.79 -24.36 -19.79
CA ARG B 312 -26.20 -24.93 -21.01
C ARG B 312 -26.40 -26.45 -21.01
N PRO B 313 -27.15 -26.97 -21.98
CA PRO B 313 -27.66 -28.33 -21.76
C PRO B 313 -26.59 -29.42 -21.74
N ALA B 314 -25.51 -29.21 -22.49
CA ALA B 314 -24.48 -30.23 -22.63
C ALA B 314 -23.64 -30.40 -21.37
N THR B 315 -23.49 -29.33 -20.59
CA THR B 315 -22.66 -29.39 -19.38
C THR B 315 -23.48 -29.22 -18.09
N LYS B 316 -24.73 -28.81 -18.26
CA LYS B 316 -25.66 -28.48 -17.15
C LYS B 316 -25.17 -27.34 -16.26
N LYS B 317 -24.39 -26.43 -16.84
CA LYS B 317 -23.88 -25.31 -16.07
C LYS B 317 -24.61 -24.02 -16.40
N VAL B 318 -24.70 -23.13 -15.39
CA VAL B 318 -25.13 -21.76 -15.61
C VAL B 318 -23.92 -20.85 -15.43
N HIS B 319 -23.84 -19.86 -16.32
CA HIS B 319 -22.71 -18.94 -16.37
C HIS B 319 -23.21 -17.51 -16.21
N THR B 320 -23.12 -16.97 -14.99
CA THR B 320 -23.61 -15.58 -14.76
C THR B 320 -22.58 -14.63 -15.30
N ILE B 321 -22.96 -13.34 -15.37
CA ILE B 321 -21.97 -12.29 -15.62
C ILE B 321 -21.99 -11.36 -14.44
N PHE B 322 -20.83 -11.23 -13.77
CA PHE B 322 -20.71 -10.29 -12.65
C PHE B 322 -20.33 -8.92 -13.20
N ASN B 323 -21.26 -7.96 -13.18
N ASN B 323 -21.26 -7.97 -13.10
CA ASN B 323 -20.99 -6.60 -13.65
CA ASN B 323 -21.04 -6.62 -13.56
C ASN B 323 -20.22 -5.92 -12.52
C ASN B 323 -20.23 -5.89 -12.48
N GLN B 324 -19.00 -5.56 -12.85
CA GLN B 324 -18.03 -4.98 -11.92
C GLN B 324 -18.02 -3.46 -12.00
N ALA B 325 -18.77 -2.89 -12.93
CA ALA B 325 -18.72 -1.42 -13.18
C ALA B 325 -20.12 -0.83 -13.31
N LEU B 326 -20.99 -1.23 -12.40
CA LEU B 326 -22.41 -0.85 -12.41
C LEU B 326 -22.86 -0.16 -11.11
N THR B 327 -22.67 -0.81 -9.95
CA THR B 327 -23.32 -0.24 -8.72
C THR B 327 -22.64 1.06 -8.24
N GLN B 328 -23.39 1.89 -7.52
CA GLN B 328 -22.87 3.22 -7.19
C GLN B 328 -22.00 3.18 -5.94
N THR B 329 -21.97 2.02 -5.28
CA THR B 329 -21.23 1.89 -4.02
C THR B 329 -19.97 1.00 -4.15
N GLY B 330 -19.83 0.29 -5.26
CA GLY B 330 -18.63 -0.54 -5.51
C GLY B 330 -18.97 -2.02 -5.34
N ARG B 331 -20.22 -2.32 -4.98
CA ARG B 331 -20.66 -3.73 -5.03
C ARG B 331 -20.58 -4.27 -6.48
N LEU B 332 -20.53 -5.58 -6.59
CA LEU B 332 -20.81 -6.26 -7.87
C LEU B 332 -22.32 -6.38 -8.05
N SER B 333 -22.74 -6.64 -9.28
CA SER B 333 -24.09 -7.20 -9.48
C SER B 333 -23.96 -8.43 -10.35
N SER B 334 -25.03 -9.21 -10.45
CA SER B 334 -24.96 -10.48 -11.19
C SER B 334 -26.16 -10.59 -12.11
N THR B 335 -25.95 -10.98 -13.38
CA THR B 335 -27.02 -11.01 -14.37
C THR B 335 -27.03 -12.27 -15.24
N GLU B 336 -28.24 -12.60 -15.71
CA GLU B 336 -28.47 -13.62 -16.74
C GLU B 336 -27.74 -14.92 -16.56
N PRO B 337 -28.02 -15.64 -15.48
CA PRO B 337 -29.03 -15.33 -14.46
C PRO B 337 -28.40 -14.59 -13.28
N ASN B 338 -29.22 -13.95 -12.47
CA ASN B 338 -28.70 -13.39 -11.22
C ASN B 338 -28.49 -14.55 -10.25
N LEU B 339 -27.24 -14.78 -9.83
CA LEU B 339 -27.00 -15.86 -8.84
C LEU B 339 -26.72 -15.27 -7.43
N GLN B 340 -26.95 -13.95 -7.28
CA GLN B 340 -26.88 -13.28 -6.00
C GLN B 340 -28.22 -13.07 -5.34
N ASN B 341 -29.31 -13.58 -5.94
CA ASN B 341 -30.61 -13.49 -5.24
C ASN B 341 -31.38 -14.82 -5.23
N ILE B 342 -30.65 -15.93 -5.11
CA ILE B 342 -31.26 -17.26 -5.03
C ILE B 342 -31.90 -17.39 -3.64
N PRO B 343 -33.15 -17.91 -3.55
CA PRO B 343 -33.89 -17.88 -2.28
C PRO B 343 -33.17 -18.62 -1.14
N ILE B 344 -33.36 -18.09 0.07
CA ILE B 344 -32.81 -18.70 1.28
C ILE B 344 -33.70 -18.41 2.50
N ARG B 345 -34.47 -17.34 2.48
CA ARG B 345 -35.12 -16.87 3.72
C ARG B 345 -36.35 -17.68 4.13
N LEU B 346 -37.01 -18.33 3.19
CA LEU B 346 -38.20 -19.15 3.52
C LEU B 346 -37.84 -20.58 3.12
N GLU B 347 -38.22 -21.59 3.90
CA GLU B 347 -37.74 -22.93 3.60
C GLU B 347 -38.21 -23.39 2.21
N GLU B 348 -39.40 -22.96 1.79
CA GLU B 348 -39.96 -23.36 0.50
C GLU B 348 -39.03 -22.95 -0.66
N GLY B 349 -38.44 -21.76 -0.55
CA GLY B 349 -37.60 -21.24 -1.62
C GLY B 349 -36.18 -21.74 -1.47
N ARG B 350 -35.73 -21.86 -0.22
CA ARG B 350 -34.38 -22.31 0.09
C ARG B 350 -34.10 -23.64 -0.60
N LYS B 351 -35.12 -24.49 -0.72
CA LYS B 351 -34.93 -25.77 -1.39
C LYS B 351 -34.40 -25.66 -2.83
N ILE B 352 -34.60 -24.52 -3.50
CA ILE B 352 -34.04 -24.32 -4.85
C ILE B 352 -32.55 -24.60 -4.83
N ARG B 353 -31.88 -24.25 -3.74
CA ARG B 353 -30.41 -24.44 -3.62
C ARG B 353 -29.97 -25.91 -3.64
N GLN B 354 -30.93 -26.84 -3.48
CA GLN B 354 -30.60 -28.26 -3.65
C GLN B 354 -30.19 -28.59 -5.09
N ALA B 355 -30.57 -27.71 -6.03
CA ALA B 355 -30.28 -27.93 -7.42
C ALA B 355 -28.91 -27.40 -7.88
N PHE B 356 -28.20 -26.68 -7.02
CA PHE B 356 -26.88 -26.19 -7.33
C PHE B 356 -25.86 -27.14 -6.71
N VAL B 357 -25.11 -27.84 -7.55
CA VAL B 357 -24.28 -28.95 -7.11
C VAL B 357 -22.84 -28.76 -7.57
N PRO B 358 -21.91 -29.52 -7.01
CA PRO B 358 -20.51 -29.46 -7.44
C PRO B 358 -20.32 -29.94 -8.87
N SER B 359 -19.32 -29.41 -9.58
CA SER B 359 -19.15 -29.73 -11.01
C SER B 359 -18.45 -31.05 -11.28
N GLU B 360 -17.93 -31.70 -10.24
CA GLU B 360 -17.26 -32.99 -10.37
C GLU B 360 -17.75 -33.90 -9.27
N SER B 361 -17.69 -35.21 -9.54
CA SER B 361 -18.02 -36.20 -8.54
C SER B 361 -17.04 -36.08 -7.38
N ASP B 362 -17.55 -36.31 -6.19
CA ASP B 362 -16.70 -36.29 -5.01
C ASP B 362 -16.10 -34.94 -4.73
N TRP B 363 -16.65 -33.90 -5.33
CA TRP B 363 -16.39 -32.53 -4.86
C TRP B 363 -17.57 -32.07 -3.97
N LEU B 364 -17.37 -30.95 -3.25
CA LEU B 364 -18.38 -30.42 -2.32
C LEU B 364 -18.44 -28.87 -2.49
N ILE B 365 -19.52 -28.25 -2.04
CA ILE B 365 -19.67 -26.79 -2.08
C ILE B 365 -19.24 -26.26 -0.71
N PHE B 366 -18.49 -25.16 -0.66
CA PHE B 366 -18.03 -24.56 0.62
C PHE B 366 -18.49 -23.10 0.58
N ALA B 367 -19.21 -22.63 1.60
CA ALA B 367 -19.70 -21.23 1.63
C ALA B 367 -19.23 -20.53 2.90
N ALA B 368 -18.66 -19.33 2.77
CA ALA B 368 -18.20 -18.57 3.94
C ALA B 368 -18.76 -17.16 3.87
N ASP B 369 -19.24 -16.60 4.99
CA ASP B 369 -19.83 -15.28 4.95
C ASP B 369 -19.42 -14.44 6.15
N TYR B 370 -19.21 -13.16 5.92
CA TYR B 370 -18.91 -12.25 7.01
C TYR B 370 -20.07 -11.97 7.96
N SER B 371 -19.80 -12.07 9.25
N SER B 371 -19.80 -12.06 9.25
CA SER B 371 -20.77 -11.77 10.29
CA SER B 371 -20.80 -11.78 10.27
C SER B 371 -20.93 -10.26 10.55
C SER B 371 -20.93 -10.28 10.58
N GLN B 372 -22.17 -9.79 10.61
CA GLN B 372 -22.47 -8.39 10.97
C GLN B 372 -21.52 -7.43 10.27
N ILE B 373 -21.28 -7.70 8.99
CA ILE B 373 -20.15 -7.05 8.31
C ILE B 373 -20.21 -5.49 8.28
N GLU B 374 -21.34 -4.93 7.89
CA GLU B 374 -21.35 -3.47 7.76
C GLU B 374 -21.45 -2.77 9.11
N LEU B 375 -22.00 -3.44 10.13
CA LEU B 375 -21.95 -2.88 11.50
C LEU B 375 -20.49 -2.86 12.02
N ARG B 376 -19.71 -3.91 11.69
CA ARG B 376 -18.28 -3.96 12.08
C ARG B 376 -17.49 -2.83 11.39
N VAL B 377 -17.74 -2.64 10.10
CA VAL B 377 -17.14 -1.56 9.36
C VAL B 377 -17.53 -0.19 9.93
N LEU B 378 -18.81 -0.05 10.26
CA LEU B 378 -19.31 1.18 10.85
C LEU B 378 -18.63 1.45 12.21
N ALA B 379 -18.43 0.41 13.01
CA ALA B 379 -17.78 0.63 14.30
C ALA B 379 -16.37 1.18 14.10
N HIS B 380 -15.67 0.64 13.13
CA HIS B 380 -14.33 1.10 12.81
C HIS B 380 -14.31 2.55 12.32
N ILE B 381 -15.18 2.86 11.39
CA ILE B 381 -15.13 4.17 10.72
C ILE B 381 -15.64 5.27 11.66
N ALA B 382 -16.72 4.98 12.35
CA ALA B 382 -17.28 5.94 13.32
C ALA B 382 -16.46 6.05 14.61
N GLU B 383 -15.73 4.99 14.93
CA GLU B 383 -14.99 4.89 16.21
C GLU B 383 -15.93 5.08 17.38
N ASP B 384 -17.05 4.38 17.30
CA ASP B 384 -18.01 4.43 18.36
C ASP B 384 -17.53 3.47 19.45
N ASP B 385 -17.15 4.02 20.59
CA ASP B 385 -16.61 3.16 21.66
C ASP B 385 -17.50 1.97 22.03
N ASN B 386 -18.80 2.18 22.18
CA ASN B 386 -19.69 1.10 22.61
C ASN B 386 -19.84 0.04 21.51
N LEU B 387 -19.95 0.48 20.27
CA LEU B 387 -20.08 -0.50 19.19
C LEU B 387 -18.79 -1.26 18.99
N MET B 388 -17.63 -0.59 19.15
CA MET B 388 -16.36 -1.29 19.02
C MET B 388 -16.23 -2.31 20.14
N GLU B 389 -16.61 -1.92 21.34
CA GLU B 389 -16.56 -2.88 22.44
C GLU B 389 -17.52 -4.05 22.16
N ALA B 390 -18.71 -3.80 21.61
CA ALA B 390 -19.63 -4.92 21.34
C ALA B 390 -18.95 -5.96 20.42
N PHE B 391 -18.28 -5.50 19.38
CA PHE B 391 -17.68 -6.44 18.41
C PHE B 391 -16.39 -7.06 18.96
N ARG B 392 -15.69 -6.33 19.83
CA ARG B 392 -14.56 -6.97 20.53
C ARG B 392 -15.03 -8.09 21.45
N ARG B 393 -16.27 -8.03 21.94
CA ARG B 393 -16.84 -9.13 22.72
C ARG B 393 -17.52 -10.20 21.84
N ASP B 394 -17.43 -10.01 20.52
CA ASP B 394 -18.15 -10.84 19.55
C ASP B 394 -19.64 -10.97 19.89
N LEU B 395 -20.27 -9.86 20.23
CA LEU B 395 -21.70 -9.85 20.46
C LEU B 395 -22.44 -9.91 19.13
N ASP B 396 -23.54 -10.66 19.09
CA ASP B 396 -24.43 -10.68 17.94
C ASP B 396 -25.47 -9.59 18.12
N ILE B 397 -25.22 -8.43 17.52
CA ILE B 397 -26.06 -7.27 17.73
C ILE B 397 -27.43 -7.44 17.06
N HIS B 398 -27.51 -8.25 16.02
CA HIS B 398 -28.83 -8.53 15.43
C HIS B 398 -29.70 -9.30 16.43
N THR B 399 -29.14 -10.29 17.10
CA THR B 399 -29.90 -11.00 18.12
C THR B 399 -30.21 -10.06 19.31
N LYS B 400 -29.26 -9.22 19.72
CA LYS B 400 -29.50 -8.32 20.86
C LYS B 400 -30.63 -7.36 20.55
N THR B 401 -30.65 -6.86 19.33
CA THR B 401 -31.74 -5.98 18.94
C THR B 401 -33.07 -6.72 18.89
N ALA B 402 -33.06 -7.99 18.50
CA ALA B 402 -34.31 -8.75 18.44
C ALA B 402 -34.87 -8.97 19.83
N MET B 403 -33.99 -9.23 20.79
CA MET B 403 -34.42 -9.41 22.17
C MET B 403 -35.15 -8.18 22.65
N ASP B 404 -34.62 -7.01 22.30
CA ASP B 404 -35.18 -5.75 22.75
C ASP B 404 -36.50 -5.43 22.05
N ILE B 405 -36.52 -5.46 20.73
CA ILE B 405 -37.73 -5.05 20.00
C ILE B 405 -38.89 -6.06 20.14
N PHE B 406 -38.60 -7.34 20.34
CA PHE B 406 -39.65 -8.33 20.51
C PHE B 406 -39.84 -8.71 21.99
N GLN B 407 -39.04 -8.13 22.88
CA GLN B 407 -39.13 -8.40 24.31
C GLN B 407 -39.12 -9.89 24.61
N VAL B 408 -38.07 -10.57 24.17
CA VAL B 408 -37.89 -11.99 24.44
C VAL B 408 -36.47 -12.27 24.86
N SER B 409 -36.23 -13.48 25.36
CA SER B 409 -34.91 -13.88 25.78
C SER B 409 -34.13 -14.36 24.56
N GLU B 410 -32.83 -14.59 24.75
CA GLU B 410 -31.97 -14.92 23.62
C GLU B 410 -32.35 -16.23 22.94
N ASP B 411 -32.66 -17.27 23.71
CA ASP B 411 -32.98 -18.56 23.12
C ASP B 411 -34.33 -18.51 22.41
N GLU B 412 -35.10 -17.47 22.71
CA GLU B 412 -36.41 -17.28 22.10
C GLU B 412 -36.33 -16.55 20.76
N VAL B 413 -35.13 -16.13 20.34
CA VAL B 413 -34.99 -15.42 19.06
C VAL B 413 -34.88 -16.39 17.89
N THR B 414 -35.87 -16.35 17.01
CA THR B 414 -35.91 -17.23 15.85
C THR B 414 -35.09 -16.59 14.75
N PRO B 415 -34.65 -17.40 13.78
CA PRO B 415 -33.95 -16.87 12.62
C PRO B 415 -34.72 -15.74 11.94
N ASN B 416 -36.04 -15.85 11.86
CA ASN B 416 -36.82 -14.81 11.19
C ASN B 416 -36.80 -13.53 12.01
N MET B 417 -36.92 -13.65 13.33
CA MET B 417 -36.83 -12.49 14.20
C MET B 417 -35.46 -11.81 14.10
N ARG B 418 -34.38 -12.59 14.07
CA ARG B 418 -33.06 -11.99 13.88
C ARG B 418 -32.98 -11.25 12.53
N ARG B 419 -33.52 -11.84 11.46
CA ARG B 419 -33.59 -11.14 10.16
C ARG B 419 -34.33 -9.80 10.24
N GLN B 420 -35.46 -9.80 10.91
CA GLN B 420 -36.21 -8.56 11.11
C GLN B 420 -35.37 -7.54 11.89
N ALA B 421 -34.68 -8.01 12.92
CA ALA B 421 -33.88 -7.09 13.74
C ALA B 421 -32.68 -6.58 12.92
N LYS B 422 -32.20 -7.40 11.99
CA LYS B 422 -31.07 -7.00 11.15
C LYS B 422 -31.48 -5.78 10.33
N ALA B 423 -32.66 -5.83 9.74
CA ALA B 423 -33.18 -4.72 8.95
C ALA B 423 -33.39 -3.49 9.81
N VAL B 424 -33.83 -3.67 11.06
CA VAL B 424 -33.94 -2.54 11.97
C VAL B 424 -32.56 -1.89 12.25
N ASN B 425 -31.58 -2.72 12.61
CA ASN B 425 -30.23 -2.19 12.88
C ASN B 425 -29.69 -1.38 11.71
N TYR B 426 -29.71 -1.95 10.51
CA TYR B 426 -29.16 -1.22 9.35
C TYR B 426 -30.06 -0.05 9.00
N GLY B 427 -31.36 -0.26 9.10
CA GLY B 427 -32.26 0.86 8.85
C GLY B 427 -31.94 2.07 9.70
N ILE B 428 -31.74 1.86 10.99
CA ILE B 428 -31.50 3.00 11.86
C ILE B 428 -30.19 3.70 11.52
N VAL B 429 -29.12 2.94 11.32
CA VAL B 429 -27.86 3.63 11.00
C VAL B 429 -27.92 4.29 9.61
N TYR B 430 -28.77 3.78 8.71
CA TYR B 430 -28.87 4.34 7.35
C TYR B 430 -30.04 5.32 7.20
N GLY B 431 -30.56 5.81 8.34
CA GLY B 431 -31.42 6.99 8.33
C GLY B 431 -32.93 6.78 8.28
N ILE B 432 -33.40 5.59 8.67
CA ILE B 432 -34.85 5.35 8.73
C ILE B 432 -35.46 6.36 9.72
N SER B 433 -36.69 6.78 9.43
CA SER B 433 -37.42 7.69 10.36
C SER B 433 -38.34 6.91 11.29
N ASP B 434 -38.98 7.62 12.21
CA ASP B 434 -39.94 6.95 13.10
C ASP B 434 -41.10 6.36 12.31
N TYR B 435 -41.53 7.05 11.26
CA TYR B 435 -42.59 6.54 10.41
C TYR B 435 -42.19 5.23 9.75
N GLY B 436 -40.97 5.20 9.20
CA GLY B 436 -40.49 4.03 8.50
C GLY B 436 -40.36 2.81 9.40
N LEU B 437 -39.82 3.03 10.60
CA LEU B 437 -39.59 1.95 11.53
C LEU B 437 -40.94 1.43 12.03
N ALA B 438 -41.87 2.35 12.28
CA ALA B 438 -43.19 1.95 12.79
C ALA B 438 -43.94 1.14 11.75
N GLN B 439 -43.81 1.54 10.49
CA GLN B 439 -44.38 0.76 9.39
C GLN B 439 -43.68 -0.59 9.22
N ASN B 440 -42.35 -0.59 9.32
CA ASN B 440 -41.60 -1.83 9.17
C ASN B 440 -41.98 -2.89 10.20
N LEU B 441 -42.09 -2.49 11.47
CA LEU B 441 -42.36 -3.42 12.57
C LEU B 441 -43.85 -3.54 12.90
N ASN B 442 -44.67 -2.68 12.31
CA ASN B 442 -46.09 -2.57 12.65
C ASN B 442 -46.28 -2.31 14.13
N ILE B 443 -45.62 -1.26 14.62
CA ILE B 443 -45.72 -0.82 16.01
C ILE B 443 -46.06 0.68 16.02
N SER B 444 -46.38 1.20 17.19
CA SER B 444 -46.74 2.62 17.27
C SER B 444 -45.56 3.47 16.86
N ARG B 445 -45.83 4.58 16.18
CA ARG B 445 -44.79 5.53 15.82
C ARG B 445 -44.12 6.10 17.06
N LYS B 446 -44.88 6.30 18.13
CA LYS B 446 -44.33 6.85 19.36
C LYS B 446 -43.23 5.93 19.88
N GLU B 447 -43.52 4.63 19.87
CA GLU B 447 -42.56 3.61 20.30
C GLU B 447 -41.38 3.56 19.33
N ALA B 448 -41.66 3.69 18.04
CA ALA B 448 -40.58 3.62 17.04
C ALA B 448 -39.60 4.77 17.28
N ALA B 449 -40.14 5.94 17.54
CA ALA B 449 -39.31 7.12 17.78
C ALA B 449 -38.48 6.92 19.05
N GLU B 450 -39.09 6.31 20.06
CA GLU B 450 -38.37 6.05 21.31
C GLU B 450 -37.21 5.11 21.07
N PHE B 451 -37.43 4.13 20.19
CA PHE B 451 -36.42 3.13 19.93
C PHE B 451 -35.21 3.76 19.24
N ILE B 452 -35.45 4.56 18.20
CA ILE B 452 -34.35 5.27 17.52
C ILE B 452 -33.58 6.17 18.51
N GLU B 453 -34.30 6.89 19.37
CA GLU B 453 -33.62 7.74 20.32
C GLU B 453 -32.71 6.93 21.24
N ARG B 454 -33.19 5.79 21.74
CA ARG B 454 -32.40 4.93 22.61
C ARG B 454 -31.19 4.34 21.88
N TYR B 455 -31.37 4.03 20.61
CA TYR B 455 -30.28 3.46 19.80
C TYR B 455 -29.11 4.44 19.75
N PHE B 456 -29.39 5.71 19.46
CA PHE B 456 -28.31 6.69 19.39
C PHE B 456 -27.81 7.11 20.78
N GLU B 457 -28.58 6.83 21.81
CA GLU B 457 -28.03 6.99 23.16
C GLU B 457 -27.01 5.90 23.50
N SER B 458 -27.19 4.72 22.92
CA SER B 458 -26.27 3.61 23.10
C SER B 458 -25.03 3.81 22.22
N PHE B 459 -25.21 4.46 21.07
CA PHE B 459 -24.12 4.58 20.08
C PHE B 459 -23.98 6.03 19.61
N PRO B 460 -23.61 6.92 20.52
CA PRO B 460 -23.49 8.34 20.19
C PRO B 460 -22.42 8.63 19.15
N GLY B 461 -21.39 7.78 19.05
CA GLY B 461 -20.38 7.97 18.02
C GLY B 461 -20.94 7.71 16.63
N VAL B 462 -21.84 6.74 16.51
CA VAL B 462 -22.53 6.52 15.24
C VAL B 462 -23.35 7.76 14.83
N LYS B 463 -24.08 8.37 15.76
CA LYS B 463 -24.80 9.61 15.46
C LYS B 463 -23.86 10.73 15.03
N ARG B 464 -22.78 10.91 15.78
CA ARG B 464 -21.80 11.94 15.45
C ARG B 464 -21.22 11.69 14.07
N TYR B 465 -20.92 10.44 13.77
CA TYR B 465 -20.35 10.10 12.46
C TYR B 465 -21.35 10.45 11.34
N MET B 466 -22.63 10.11 11.52
CA MET B 466 -23.62 10.36 10.49
C MET B 466 -23.80 11.87 10.28
N GLU B 467 -23.73 12.66 11.35
CA GLU B 467 -23.78 14.10 11.19
C GLU B 467 -22.55 14.60 10.44
N ASN B 468 -21.38 14.12 10.85
CA ASN B 468 -20.13 14.61 10.26
C ASN B 468 -19.98 14.22 8.80
N ILE B 469 -20.43 13.02 8.42
CA ILE B 469 -20.21 12.57 7.07
C ILE B 469 -21.08 13.35 6.09
N VAL B 470 -22.27 13.76 6.52
CA VAL B 470 -23.13 14.63 5.69
C VAL B 470 -22.43 15.97 5.51
N GLN B 471 -21.84 16.52 6.56
CA GLN B 471 -21.15 17.79 6.41
C GLN B 471 -19.96 17.69 5.49
N GLU B 472 -19.21 16.60 5.63
CA GLU B 472 -18.05 16.38 4.77
C GLU B 472 -18.44 16.21 3.30
N ALA B 473 -19.56 15.54 3.03
CA ALA B 473 -20.03 15.39 1.67
C ALA B 473 -20.42 16.78 1.11
N LYS B 474 -21.01 17.65 1.93
CA LYS B 474 -21.34 19.01 1.48
C LYS B 474 -20.07 19.78 1.16
N GLN B 475 -19.07 19.66 2.02
CA GLN B 475 -17.84 20.44 1.84
C GLN B 475 -17.01 19.96 0.63
N LYS B 476 -16.80 18.66 0.49
CA LYS B 476 -15.92 18.16 -0.56
C LYS B 476 -16.62 17.85 -1.88
N GLY B 477 -17.90 17.51 -1.82
CA GLY B 477 -18.63 17.14 -3.03
C GLY B 477 -18.85 15.65 -3.21
N TYR B 478 -18.20 14.83 -2.37
CA TYR B 478 -18.26 13.38 -2.51
C TYR B 478 -18.00 12.73 -1.16
N VAL B 479 -18.24 11.42 -1.11
CA VAL B 479 -17.79 10.58 0.02
C VAL B 479 -16.88 9.49 -0.50
N THR B 480 -16.12 8.87 0.40
CA THR B 480 -15.17 7.84 0.00
C THR B 480 -15.25 6.62 0.89
N THR B 481 -14.61 5.54 0.45
CA THR B 481 -14.55 4.30 1.22
C THR B 481 -13.16 4.08 1.76
N LEU B 482 -12.96 2.99 2.52
CA LEU B 482 -11.68 2.77 3.14
C LEU B 482 -10.58 2.61 2.10
N LEU B 483 -10.86 1.99 0.96
CA LEU B 483 -9.82 1.82 -0.07
C LEU B 483 -9.92 2.93 -1.17
N HIS B 484 -10.63 4.00 -0.85
CA HIS B 484 -10.63 5.24 -1.68
C HIS B 484 -11.57 5.24 -2.87
N ARG B 485 -12.54 4.33 -2.88
CA ARG B 485 -13.61 4.43 -3.84
C ARG B 485 -14.37 5.73 -3.58
N ARG B 486 -14.95 6.34 -4.63
CA ARG B 486 -15.58 7.66 -4.47
C ARG B 486 -17.01 7.67 -5.05
N ARG B 487 -17.92 8.40 -4.38
CA ARG B 487 -19.21 8.69 -5.01
C ARG B 487 -19.51 10.16 -4.86
N TYR B 488 -19.77 10.85 -5.97
CA TYR B 488 -20.14 12.26 -5.89
C TYR B 488 -21.61 12.41 -5.50
N LEU B 489 -21.91 13.45 -4.73
CA LEU B 489 -23.27 13.67 -4.24
C LEU B 489 -23.68 15.13 -4.40
N PRO B 490 -23.78 15.59 -5.66
CA PRO B 490 -24.19 16.96 -5.97
C PRO B 490 -25.56 17.34 -5.36
N ASP B 491 -26.45 16.38 -5.15
CA ASP B 491 -27.75 16.68 -4.57
C ASP B 491 -27.72 17.00 -3.07
N ILE B 492 -26.58 16.83 -2.41
CA ILE B 492 -26.57 17.00 -0.98
C ILE B 492 -26.76 18.45 -0.60
N THR B 493 -26.62 19.34 -1.59
CA THR B 493 -26.87 20.76 -1.37
C THR B 493 -28.09 21.24 -2.15
N SER B 494 -28.92 20.30 -2.60
CA SER B 494 -30.13 20.65 -3.33
C SER B 494 -31.04 21.47 -2.45
N ARG B 495 -31.73 22.45 -3.04
CA ARG B 495 -32.67 23.26 -2.28
C ARG B 495 -33.91 22.43 -1.96
N ASN B 496 -34.21 21.46 -2.81
CA ASN B 496 -35.38 20.59 -2.60
C ASN B 496 -35.15 19.56 -1.49
N PHE B 497 -36.08 19.51 -0.55
CA PHE B 497 -35.91 18.76 0.69
C PHE B 497 -35.82 17.26 0.48
N ASN B 498 -36.71 16.71 -0.33
CA ASN B 498 -36.70 15.28 -0.60
C ASN B 498 -35.39 14.90 -1.29
N VAL B 499 -35.01 15.68 -2.29
CA VAL B 499 -33.80 15.42 -3.08
C VAL B 499 -32.55 15.47 -2.20
N ARG B 500 -32.48 16.47 -1.32
CA ARG B 500 -31.33 16.64 -0.44
C ARG B 500 -31.28 15.47 0.52
N SER B 501 -32.45 15.09 1.05
CA SER B 501 -32.55 14.04 2.06
C SER B 501 -32.11 12.68 1.53
N PHE B 502 -32.50 12.38 0.30
CA PHE B 502 -32.00 11.17 -0.33
C PHE B 502 -30.46 11.21 -0.43
N ALA B 503 -29.89 12.35 -0.79
CA ALA B 503 -28.43 12.42 -0.89
C ALA B 503 -27.76 12.27 0.49
N GLU B 504 -28.39 12.81 1.54
CA GLU B 504 -27.84 12.67 2.87
C GLU B 504 -27.78 11.19 3.28
N ARG B 505 -28.82 10.43 2.95
CA ARG B 505 -28.83 9.01 3.31
C ARG B 505 -27.81 8.21 2.48
N MET B 506 -27.51 8.65 1.26
CA MET B 506 -26.41 8.06 0.48
C MET B 506 -25.08 8.37 1.17
N ALA B 507 -24.92 9.56 1.71
CA ALA B 507 -23.67 9.86 2.38
C ALA B 507 -23.48 8.95 3.59
N MET B 508 -24.59 8.65 4.27
CA MET B 508 -24.56 7.77 5.46
C MET B 508 -24.20 6.32 5.07
N ASN B 509 -24.80 5.84 3.99
CA ASN B 509 -24.68 4.43 3.63
C ASN B 509 -23.47 4.08 2.73
N THR B 510 -23.17 4.94 1.75
CA THR B 510 -22.13 4.58 0.77
C THR B 510 -20.73 4.25 1.35
N PRO B 511 -20.21 5.04 2.29
CA PRO B 511 -18.89 4.69 2.82
C PRO B 511 -18.87 3.33 3.53
N ILE B 512 -20.01 2.95 4.07
CA ILE B 512 -20.07 1.69 4.84
C ILE B 512 -20.29 0.50 3.90
N GLN B 513 -21.33 0.57 3.08
CA GLN B 513 -21.55 -0.50 2.12
C GLN B 513 -20.36 -0.62 1.17
N GLY B 514 -19.82 0.53 0.76
CA GLY B 514 -18.72 0.51 -0.21
C GLY B 514 -17.43 -0.04 0.41
N SER B 515 -17.16 0.31 1.67
CA SER B 515 -15.99 -0.24 2.33
C SER B 515 -16.09 -1.74 2.52
N ALA B 516 -17.29 -2.23 2.81
CA ALA B 516 -17.49 -3.68 2.94
C ALA B 516 -17.27 -4.34 1.58
N ALA B 517 -17.66 -3.67 0.50
CA ALA B 517 -17.37 -4.20 -0.83
C ALA B 517 -15.86 -4.24 -1.06
N ASP B 518 -15.16 -3.19 -0.65
CA ASP B 518 -13.72 -3.16 -0.86
C ASP B 518 -13.08 -4.37 -0.16
N ILE B 519 -13.53 -4.63 1.06
CA ILE B 519 -12.93 -5.69 1.91
C ILE B 519 -13.11 -7.08 1.25
N ILE B 520 -14.32 -7.41 0.80
CA ILE B 520 -14.53 -8.74 0.21
C ILE B 520 -13.78 -8.88 -1.11
N LYS B 521 -13.70 -7.80 -1.92
CA LYS B 521 -12.87 -7.89 -3.13
C LYS B 521 -11.42 -8.20 -2.79
N LYS B 522 -10.84 -7.52 -1.78
CA LYS B 522 -9.46 -7.82 -1.39
C LYS B 522 -9.36 -9.28 -0.93
N ALA B 523 -10.38 -9.74 -0.21
CA ALA B 523 -10.37 -11.11 0.34
C ALA B 523 -10.33 -12.10 -0.84
N MET B 524 -11.06 -11.81 -1.92
CA MET B 524 -11.03 -12.74 -3.07
C MET B 524 -9.64 -12.80 -3.69
N ILE B 525 -8.96 -11.66 -3.80
CA ILE B 525 -7.62 -11.65 -4.39
C ILE B 525 -6.67 -12.45 -3.51
N ASP B 526 -6.71 -12.17 -2.21
CA ASP B 526 -5.86 -12.86 -1.25
C ASP B 526 -6.17 -14.35 -1.24
N LEU B 527 -7.43 -14.71 -1.38
CA LEU B 527 -7.81 -16.12 -1.31
C LEU B 527 -7.23 -16.85 -2.52
N ASN B 528 -7.39 -16.28 -3.71
CA ASN B 528 -6.82 -16.93 -4.89
C ASN B 528 -5.33 -17.12 -4.82
N ALA B 529 -4.63 -16.15 -4.22
CA ALA B 529 -3.17 -16.27 -4.09
C ALA B 529 -2.83 -17.42 -3.13
N ARG B 530 -3.59 -17.55 -2.05
CA ARG B 530 -3.33 -18.61 -1.07
C ARG B 530 -3.68 -19.98 -1.67
N LEU B 531 -4.78 -20.06 -2.42
CA LEU B 531 -5.15 -21.34 -3.03
C LEU B 531 -4.07 -21.83 -4.00
N LYS B 532 -3.49 -20.93 -4.79
CA LYS B 532 -2.42 -21.26 -5.73
C LYS B 532 -1.13 -21.69 -5.00
N GLU B 533 -0.74 -20.91 -4.01
CA GLU B 533 0.42 -21.22 -3.16
C GLU B 533 0.32 -22.61 -2.54
N GLU B 534 -0.89 -22.99 -2.10
CA GLU B 534 -1.11 -24.31 -1.49
C GLU B 534 -1.37 -25.43 -2.50
N ARG B 535 -1.39 -25.05 -3.78
CA ARG B 535 -1.64 -26.00 -4.87
C ARG B 535 -2.95 -26.76 -4.69
N LEU B 536 -4.00 -26.07 -4.26
CA LEU B 536 -5.30 -26.70 -4.09
C LEU B 536 -6.11 -26.56 -5.36
N GLN B 537 -6.98 -27.53 -5.60
CA GLN B 537 -7.86 -27.52 -6.78
C GLN B 537 -9.10 -26.66 -6.52
N ALA B 538 -9.37 -26.36 -5.25
CA ALA B 538 -10.53 -25.56 -4.87
C ALA B 538 -10.55 -24.28 -5.66
N HIS B 539 -11.75 -23.84 -6.06
CA HIS B 539 -11.85 -22.54 -6.71
C HIS B 539 -13.14 -21.82 -6.38
N LEU B 540 -13.10 -20.49 -6.53
CA LEU B 540 -14.32 -19.71 -6.37
C LEU B 540 -15.35 -19.97 -7.47
N LEU B 541 -16.61 -19.96 -7.07
CA LEU B 541 -17.74 -20.03 -7.99
C LEU B 541 -18.54 -18.72 -7.99
N LEU B 542 -18.86 -18.22 -6.78
CA LEU B 542 -19.72 -17.03 -6.68
C LEU B 542 -19.29 -16.11 -5.55
N GLN B 543 -19.58 -14.82 -5.73
CA GLN B 543 -19.56 -13.88 -4.61
C GLN B 543 -20.99 -13.40 -4.42
N VAL B 544 -21.40 -13.23 -3.17
CA VAL B 544 -22.73 -12.71 -2.87
C VAL B 544 -22.64 -11.61 -1.81
N HIS B 545 -21.90 -10.55 -2.19
CA HIS B 545 -21.76 -9.30 -1.44
C HIS B 545 -20.93 -9.36 -0.18
N ASP B 546 -21.24 -10.31 0.69
CA ASP B 546 -20.38 -10.52 1.85
C ASP B 546 -20.15 -11.98 2.04
N GLU B 547 -20.32 -12.77 0.97
CA GLU B 547 -20.17 -14.22 1.03
C GLU B 547 -19.34 -14.68 -0.15
N LEU B 548 -18.55 -15.74 0.07
CA LEU B 548 -17.84 -16.38 -1.04
C LEU B 548 -18.27 -17.85 -1.11
N ILE B 549 -18.57 -18.33 -2.33
CA ILE B 549 -18.98 -19.72 -2.52
C ILE B 549 -17.94 -20.43 -3.40
N LEU B 550 -17.40 -21.56 -2.92
CA LEU B 550 -16.36 -22.31 -3.66
C LEU B 550 -16.83 -23.75 -3.84
N GLU B 551 -16.15 -24.48 -4.74
CA GLU B 551 -16.25 -25.93 -4.72
C GLU B 551 -14.87 -26.49 -4.66
N ALA B 552 -14.74 -27.70 -4.11
CA ALA B 552 -13.43 -28.31 -4.00
C ALA B 552 -13.58 -29.81 -3.81
N PRO B 553 -12.52 -30.57 -4.13
CA PRO B 553 -12.53 -32.00 -3.77
C PRO B 553 -12.82 -32.20 -2.29
N LYS B 554 -13.52 -33.27 -1.96
CA LYS B 554 -13.86 -33.50 -0.57
C LYS B 554 -12.59 -33.57 0.30
N GLU B 555 -11.49 -34.05 -0.27
CA GLU B 555 -10.23 -34.20 0.45
C GLU B 555 -9.60 -32.86 0.82
N GLU B 556 -10.08 -31.77 0.23
CA GLU B 556 -9.53 -30.45 0.52
C GLU B 556 -10.33 -29.72 1.59
N MET B 557 -11.47 -30.25 1.99
CA MET B 557 -12.36 -29.51 2.91
C MET B 557 -11.67 -29.14 4.22
N GLU B 558 -10.98 -30.08 4.85
CA GLU B 558 -10.42 -29.75 6.17
C GLU B 558 -9.45 -28.59 6.12
N ARG B 559 -8.61 -28.57 5.09
CA ARG B 559 -7.72 -27.44 4.84
C ARG B 559 -8.49 -26.16 4.55
N LEU B 560 -9.56 -26.23 3.76
CA LEU B 560 -10.34 -25.00 3.48
C LEU B 560 -11.02 -24.44 4.72
N CYS B 561 -11.50 -25.31 5.62
CA CYS B 561 -12.13 -24.85 6.85
C CYS B 561 -11.20 -23.93 7.63
N ARG B 562 -9.90 -24.10 7.52
CA ARG B 562 -8.98 -23.22 8.21
C ARG B 562 -8.52 -22.07 7.32
N LEU B 563 -8.25 -22.37 6.06
CA LEU B 563 -7.71 -21.38 5.15
C LEU B 563 -8.72 -20.27 4.79
N VAL B 564 -9.93 -20.63 4.44
CA VAL B 564 -10.83 -19.61 3.88
C VAL B 564 -11.23 -18.56 4.92
N PRO B 565 -11.65 -18.98 6.12
CA PRO B 565 -11.97 -17.97 7.14
C PRO B 565 -10.77 -17.09 7.51
N GLU B 566 -9.59 -17.69 7.61
CA GLU B 566 -8.39 -16.92 7.96
C GLU B 566 -8.14 -15.83 6.90
N VAL B 567 -8.15 -16.21 5.62
CA VAL B 567 -7.89 -15.21 4.58
C VAL B 567 -8.93 -14.08 4.61
N MET B 568 -10.17 -14.46 4.78
CA MET B 568 -11.27 -13.47 4.80
C MET B 568 -11.15 -12.53 6.00
N GLU B 569 -10.83 -13.08 7.16
CA GLU B 569 -10.71 -12.27 8.39
C GLU B 569 -9.50 -11.34 8.41
N GLN B 570 -8.44 -11.72 7.68
CA GLN B 570 -7.19 -10.94 7.65
C GLN B 570 -7.06 -10.04 6.43
N ALA B 571 -8.11 -9.96 5.61
CA ALA B 571 -8.05 -9.14 4.41
C ALA B 571 -7.65 -7.68 4.70
N VAL B 572 -8.29 -7.09 5.71
CA VAL B 572 -7.91 -5.79 6.23
C VAL B 572 -7.74 -5.89 7.75
N THR B 573 -7.06 -4.93 8.35
CA THR B 573 -7.01 -4.86 9.80
C THR B 573 -7.82 -3.64 10.24
N LEU B 574 -8.90 -3.89 10.98
CA LEU B 574 -9.77 -2.85 11.51
C LEU B 574 -9.63 -2.74 13.02
N ARG B 575 -10.31 -1.75 13.59
CA ARG B 575 -10.32 -1.51 15.04
C ARG B 575 -11.13 -2.57 15.78
N VAL B 576 -11.85 -3.41 15.03
CA VAL B 576 -12.58 -4.55 15.59
C VAL B 576 -12.23 -5.76 14.74
N PRO B 577 -12.42 -6.96 15.31
CA PRO B 577 -12.15 -8.16 14.52
C PRO B 577 -13.20 -8.33 13.42
N LEU B 578 -12.80 -8.96 12.33
CA LEU B 578 -13.77 -9.50 11.39
C LEU B 578 -14.04 -10.97 11.75
N LYS B 579 -15.24 -11.42 11.46
CA LYS B 579 -15.64 -12.77 11.85
C LYS B 579 -16.32 -13.42 10.67
N VAL B 580 -15.98 -14.68 10.41
CA VAL B 580 -16.56 -15.38 9.30
C VAL B 580 -17.22 -16.69 9.71
N ASP B 581 -18.41 -16.93 9.17
CA ASP B 581 -19.10 -18.19 9.38
C ASP B 581 -18.89 -19.04 8.13
N TYR B 582 -18.88 -20.36 8.25
CA TYR B 582 -18.64 -21.14 7.05
C TYR B 582 -19.23 -22.55 7.20
N HIS B 583 -19.54 -23.16 6.06
CA HIS B 583 -20.23 -24.45 6.03
C HIS B 583 -19.94 -25.13 4.71
N TYR B 584 -20.06 -26.45 4.66
CA TYR B 584 -19.86 -27.12 3.39
C TYR B 584 -20.79 -28.30 3.29
N GLY B 585 -20.97 -28.80 2.07
CA GLY B 585 -21.94 -29.86 1.87
C GLY B 585 -22.03 -30.28 0.43
N SER B 586 -22.89 -31.26 0.16
CA SER B 586 -22.96 -31.81 -1.18
C SER B 586 -23.81 -31.02 -2.16
N THR B 587 -24.60 -30.06 -1.67
CA THR B 587 -25.30 -29.10 -2.53
C THR B 587 -25.17 -27.73 -1.87
N TRP B 588 -25.51 -26.66 -2.61
CA TRP B 588 -25.46 -25.35 -2.01
C TRP B 588 -26.42 -25.27 -0.84
N TYR B 589 -27.55 -25.96 -0.96
CA TYR B 589 -28.53 -26.02 0.14
C TYR B 589 -27.86 -26.54 1.41
N ASP B 590 -27.06 -27.58 1.26
CA ASP B 590 -26.45 -28.28 2.38
C ASP B 590 -25.27 -27.58 2.98
N ALA B 591 -24.75 -26.56 2.28
CA ALA B 591 -23.63 -25.79 2.83
C ALA B 591 -24.19 -24.78 3.81
N LYS B 592 -24.75 -25.29 4.90
CA LYS B 592 -25.37 -24.47 5.93
C LYS B 592 -25.05 -25.08 7.29
#